data_4EBL
#
_entry.id   4EBL
#
_cell.length_a   78.792
_cell.length_b   96.946
_cell.length_c   109.526
_cell.angle_alpha   90.00
_cell.angle_beta   107.95
_cell.angle_gamma   90.00
#
_symmetry.space_group_name_H-M   'P 1 21 1'
#
loop_
_entity.id
_entity.type
_entity.pdbx_description
1 polymer Beta-lactamase
2 non-polymer 'PHOSPHATE ION'
3 non-polymer '(2R,5R)-2-[(2S,3R)-3-hydroxy-1-oxobutan-2-yl]-5-[(2R)-tetrahydrofuran-2-yl]-2,5-dihydro-1,3-thiazole-4-carboxylic acid'
4 water water
#
_entity_poly.entity_id   1
_entity_poly.type   'polypeptide(L)'
_entity_poly.pdbx_seq_one_letter_code
;DLADRFAELERRYDARLGVYVPATGTTAAIEYRADERFAFCSTFKAPLVAAVLHQNPLTHLDKLITYTSDDIRSISPVAQ
QHVQTGMTIGQLCDAAIRYSDGTAANLLLADLGGPGGGTAAFTGYLRSLGDTVSRLDAEAPELNRDPPGDERDTTTPHAI
ALVLQQLVLGNALPPDKRALLTDWMARNTTGAKRIRAGFPADWKVIDKTGTGDYGRANDIAVVWSPTGVPYVVAVMSDRA
GGGYDAEPREALLAEAATCVAGVLA
;
_entity_poly.pdbx_strand_id   A,B,C,D
#
# COMPACT_ATOMS: atom_id res chain seq x y z
N ASP A 1 25.72 23.86 -0.36
CA ASP A 1 25.59 23.64 1.05
C ASP A 1 25.43 22.12 1.26
N LEU A 2 25.63 21.32 0.19
CA LEU A 2 25.37 19.88 0.31
C LEU A 2 26.48 19.29 1.18
N ALA A 3 27.68 19.80 0.92
CA ALA A 3 28.89 19.46 1.65
C ALA A 3 28.76 19.67 3.15
N ASP A 4 28.14 20.79 3.53
CA ASP A 4 27.96 21.12 4.94
C ASP A 4 27.01 20.11 5.58
N ARG A 5 25.98 19.72 4.86
CA ARG A 5 25.05 18.74 5.37
C ARG A 5 25.71 17.35 5.47
N PHE A 6 26.53 16.95 4.49
CA PHE A 6 27.22 15.66 4.66
C PHE A 6 28.17 15.74 5.85
N ALA A 7 28.85 16.86 6.01
CA ALA A 7 29.74 17.01 7.19
C ALA A 7 28.97 16.95 8.53
N GLU A 8 27.78 17.51 8.57
CA GLU A 8 26.96 17.50 9.77
C GLU A 8 26.56 16.03 10.02
N LEU A 9 26.25 15.27 8.95
CA LEU A 9 25.98 13.84 9.12
C LEU A 9 27.15 13.09 9.74
N GLU A 10 28.37 13.37 9.28
CA GLU A 10 29.56 12.77 9.87
C GLU A 10 29.62 13.06 11.36
N ARG A 11 29.37 14.31 11.77
CA ARG A 11 29.39 14.59 13.21
C ARG A 11 28.22 13.91 13.96
N ARG A 12 27.03 13.93 13.37
CA ARG A 12 25.86 13.36 14.05
C ARG A 12 26.14 11.86 14.32
N TYR A 13 26.69 11.17 13.33
CA TYR A 13 26.84 9.73 13.49
C TYR A 13 28.26 9.33 13.87
N ASP A 14 29.11 10.29 14.18
CA ASP A 14 30.51 9.96 14.43
C ASP A 14 31.17 9.01 13.45
N ALA A 15 31.16 9.40 12.18
CA ALA A 15 31.55 8.55 11.07
C ALA A 15 32.34 9.30 10.02
N ARG A 16 32.95 8.57 9.12
CA ARG A 16 33.49 9.15 7.90
C ARG A 16 32.52 8.67 6.81
N LEU A 17 32.07 9.61 5.96
CA LEU A 17 31.06 9.36 4.96
C LEU A 17 31.65 9.69 3.59
N GLY A 18 31.39 8.82 2.61
CA GLY A 18 31.81 9.04 1.23
C GLY A 18 30.59 8.89 0.32
N VAL A 19 30.40 9.82 -0.62
CA VAL A 19 29.24 9.83 -1.50
C VAL A 19 29.64 10.17 -2.94
N TYR A 20 29.14 9.42 -3.92
CA TYR A 20 29.28 9.83 -5.31
C TYR A 20 28.04 9.53 -6.11
N VAL A 21 27.58 10.51 -6.87
CA VAL A 21 26.50 10.36 -7.83
C VAL A 21 27.08 10.95 -9.14
N PRO A 22 27.30 10.14 -10.16
CA PRO A 22 27.87 10.67 -11.43
C PRO A 22 26.98 11.76 -12.05
N ALA A 23 27.60 12.69 -12.76
CA ALA A 23 26.89 13.69 -13.56
C ALA A 23 26.03 12.99 -14.58
N THR A 24 24.92 13.61 -14.94
CA THR A 24 24.04 13.20 -16.06
C THR A 24 23.94 14.39 -17.03
N GLY A 25 23.19 14.27 -18.11
CA GLY A 25 23.10 15.39 -19.05
C GLY A 25 22.48 16.65 -18.43
N THR A 26 21.77 16.52 -17.30
CA THR A 26 21.10 17.66 -16.63
C THR A 26 21.49 17.92 -15.17
N THR A 27 22.38 17.10 -14.59
CA THR A 27 22.82 17.31 -13.21
C THR A 27 24.35 17.18 -13.08
N ALA A 28 24.92 17.94 -12.16
CA ALA A 28 26.35 17.92 -11.85
C ALA A 28 26.59 16.70 -10.97
N ALA A 29 27.82 16.18 -10.99
CA ALA A 29 28.21 15.13 -10.07
C ALA A 29 27.99 15.59 -8.62
N ILE A 30 27.61 14.66 -7.75
CA ILE A 30 27.63 14.91 -6.31
C ILE A 30 28.79 14.16 -5.73
N GLU A 31 29.69 14.84 -5.04
CA GLU A 31 30.84 14.16 -4.48
C GLU A 31 31.16 14.67 -3.08
N TYR A 32 31.49 13.73 -2.21
CA TYR A 32 31.94 14.01 -0.86
C TYR A 32 32.88 12.89 -0.44
N ARG A 33 34.14 13.25 -0.23
CA ARG A 33 35.22 12.28 0.00
C ARG A 33 35.16 11.19 -1.08
N ALA A 34 34.76 11.59 -2.29
CA ALA A 34 34.47 10.62 -3.35
C ALA A 34 35.73 9.89 -3.84
N ASP A 35 36.89 10.48 -3.59
CA ASP A 35 38.15 9.86 -4.01
C ASP A 35 38.94 9.26 -2.86
N GLU A 36 38.36 9.21 -1.67
CA GLU A 36 39.00 8.52 -0.53
C GLU A 36 38.70 7.02 -0.57
N ARG A 37 39.67 6.20 -0.18
CA ARG A 37 39.50 4.74 -0.13
C ARG A 37 38.63 4.31 1.05
N PHE A 38 37.70 3.40 0.76
CA PHE A 38 36.87 2.71 1.76
C PHE A 38 36.96 1.25 1.42
N ALA A 39 36.85 0.40 2.42
CA ALA A 39 36.75 -1.04 2.20
C ALA A 39 35.53 -1.40 1.32
N PHE A 40 35.72 -2.21 0.29
CA PHE A 40 34.57 -2.76 -0.44
C PHE A 40 33.51 -3.39 0.48
N CYS A 41 33.96 -4.20 1.44
CA CYS A 41 33.10 -5.23 2.04
C CYS A 41 32.31 -5.95 0.93
N SER A 42 31.06 -6.35 1.20
CA SER A 42 30.32 -7.12 0.19
C SER A 42 29.88 -6.40 -1.11
N THR A 43 30.11 -5.11 -1.24
CA THR A 43 29.71 -4.44 -2.48
C THR A 43 30.41 -4.98 -3.73
N PHE A 44 31.57 -5.59 -3.54
CA PHE A 44 32.28 -6.18 -4.64
C PHE A 44 31.50 -7.31 -5.30
N LYS A 45 30.54 -7.89 -4.58
CA LYS A 45 29.81 -9.03 -5.14
C LYS A 45 29.00 -8.71 -6.39
N ALA A 46 28.57 -7.46 -6.52
CA ALA A 46 27.85 -7.02 -7.70
C ALA A 46 28.79 -7.03 -8.95
N PRO A 47 29.92 -6.29 -8.94
CA PRO A 47 30.80 -6.48 -10.13
C PRO A 47 31.39 -7.88 -10.29
N LEU A 48 31.44 -8.67 -9.22
CA LEU A 48 31.92 -10.02 -9.29
C LEU A 48 31.00 -10.86 -10.17
N VAL A 49 29.72 -10.74 -9.92
CA VAL A 49 28.71 -11.40 -10.77
C VAL A 49 28.84 -10.92 -12.22
N ALA A 50 29.01 -9.62 -12.42
CA ALA A 50 29.25 -9.12 -13.79
C ALA A 50 30.47 -9.81 -14.46
N ALA A 51 31.55 -9.97 -13.71
CA ALA A 51 32.77 -10.58 -14.22
C ALA A 51 32.53 -12.01 -14.67
N VAL A 52 31.80 -12.78 -13.86
CA VAL A 52 31.41 -14.16 -14.18
C VAL A 52 30.51 -14.19 -15.41
N LEU A 53 29.50 -13.33 -15.45
CA LEU A 53 28.65 -13.25 -16.62
C LEU A 53 29.42 -12.90 -17.90
N HIS A 54 30.37 -11.98 -17.76
CA HIS A 54 31.08 -11.45 -18.90
C HIS A 54 32.01 -12.43 -19.55
N GLN A 55 32.61 -13.31 -18.75
CA GLN A 55 33.67 -14.18 -19.26
C GLN A 55 33.19 -15.55 -19.74
N ASN A 56 31.89 -15.78 -19.71
CA ASN A 56 31.36 -17.10 -20.03
C ASN A 56 30.09 -16.97 -20.85
N PRO A 57 29.77 -17.98 -21.68
CA PRO A 57 28.42 -17.99 -22.31
C PRO A 57 27.30 -18.13 -21.28
N LEU A 58 26.07 -17.74 -21.62
CA LEU A 58 24.94 -17.93 -20.71
C LEU A 58 24.80 -19.37 -20.23
N THR A 59 25.13 -20.31 -21.06
CA THR A 59 24.98 -21.72 -20.71
C THR A 59 25.85 -22.08 -19.49
N HIS A 60 26.87 -21.29 -19.25
CA HIS A 60 27.70 -21.45 -18.06
C HIS A 60 26.90 -21.27 -16.76
N LEU A 61 25.80 -20.52 -16.79
CA LEU A 61 25.04 -20.34 -15.56
C LEU A 61 24.49 -21.66 -15.04
N ASP A 62 24.40 -22.70 -15.89
CA ASP A 62 23.79 -23.96 -15.44
C ASP A 62 24.80 -24.99 -15.03
N LYS A 63 26.07 -24.61 -15.02
CA LYS A 63 27.13 -25.48 -14.57
C LYS A 63 27.05 -25.61 -13.04
N LEU A 64 26.97 -26.84 -12.56
CA LEU A 64 26.90 -27.13 -11.13
C LEU A 64 28.24 -27.15 -10.37
N ILE A 65 28.29 -26.40 -9.27
CA ILE A 65 29.48 -26.35 -8.43
C ILE A 65 29.23 -27.12 -7.17
N THR A 66 30.14 -28.01 -6.82
CA THR A 66 30.02 -28.80 -5.59
C THR A 66 31.05 -28.28 -4.60
N TYR A 67 30.70 -28.31 -3.33
CA TYR A 67 31.59 -27.85 -2.30
C TYR A 67 31.26 -28.57 -1.00
N THR A 68 32.07 -28.38 0.01
CA THR A 68 31.90 -29.06 1.29
C THR A 68 31.67 -28.09 2.42
N SER A 69 31.25 -28.63 3.55
CA SER A 69 31.11 -27.84 4.76
C SER A 69 32.41 -27.09 5.10
N ASP A 70 33.58 -27.59 4.74
CA ASP A 70 34.78 -26.83 5.11
C ASP A 70 34.91 -25.58 4.21
N ASP A 71 34.21 -25.58 3.08
CA ASP A 71 34.21 -24.45 2.15
C ASP A 71 33.34 -23.30 2.62
N ILE A 72 32.42 -23.58 3.54
CA ILE A 72 31.48 -22.57 4.02
C ILE A 72 32.16 -21.60 5.00
N ARG A 73 32.24 -20.33 4.60
CA ARG A 73 32.90 -19.32 5.39
C ARG A 73 32.09 -18.03 5.48
N SER A 74 32.25 -17.29 6.57
CA SER A 74 31.53 -16.04 6.79
C SER A 74 30.02 -16.23 6.66
N ILE A 75 29.29 -15.13 6.63
CA ILE A 75 27.84 -15.17 6.51
C ILE A 75 27.44 -15.96 5.26
N SER A 76 26.60 -16.97 5.44
CA SER A 76 26.24 -17.82 4.33
C SER A 76 24.79 -18.30 4.43
N PRO A 77 23.82 -17.38 4.25
CA PRO A 77 22.43 -17.72 4.56
C PRO A 77 21.90 -18.81 3.62
N VAL A 78 22.46 -18.86 2.41
CA VAL A 78 22.08 -19.79 1.37
C VAL A 78 22.92 -21.06 1.17
N ALA A 79 24.24 -20.90 1.06
CA ALA A 79 25.09 -22.03 0.70
C ALA A 79 25.03 -23.21 1.66
N GLN A 80 24.85 -22.94 2.94
CA GLN A 80 24.75 -23.99 3.94
C GLN A 80 23.61 -24.96 3.64
N GLN A 81 22.61 -24.48 2.93
CA GLN A 81 21.48 -25.37 2.75
C GLN A 81 21.59 -26.17 1.47
N HIS A 82 22.69 -26.00 0.74
CA HIS A 82 22.81 -26.72 -0.51
C HIS A 82 24.18 -27.44 -0.55
N VAL A 83 24.77 -27.72 0.60
CA VAL A 83 26.04 -28.46 0.61
C VAL A 83 25.90 -29.86 -0.02
N GLN A 84 24.81 -30.55 0.33
CA GLN A 84 24.63 -31.91 -0.13
C GLN A 84 24.47 -31.94 -1.65
N THR A 85 23.77 -30.94 -2.19
CA THR A 85 23.38 -30.89 -3.60
C THR A 85 24.33 -30.12 -4.54
N GLY A 86 25.08 -29.17 -4.00
CA GLY A 86 25.82 -28.23 -4.83
C GLY A 86 24.91 -27.11 -5.30
N MET A 87 25.49 -26.13 -5.97
CA MET A 87 24.69 -25.03 -6.50
C MET A 87 25.19 -24.67 -7.87
N THR A 88 24.31 -24.31 -8.78
CA THR A 88 24.79 -23.89 -10.07
C THR A 88 25.40 -22.48 -9.98
N ILE A 89 26.22 -22.15 -10.98
CA ILE A 89 26.78 -20.82 -11.12
C ILE A 89 25.69 -19.73 -11.03
N GLY A 90 24.55 -19.94 -11.70
CA GLY A 90 23.43 -19.02 -11.66
C GLY A 90 22.87 -18.83 -10.24
N GLN A 91 22.74 -19.92 -9.50
CA GLN A 91 22.26 -19.90 -8.12
C GLN A 91 23.25 -19.18 -7.19
N LEU A 92 24.52 -19.37 -7.49
CA LEU A 92 25.58 -18.71 -6.75
C LEU A 92 25.55 -17.19 -6.96
N CYS A 93 25.37 -16.76 -8.21
CA CYS A 93 25.19 -15.34 -8.53
C CYS A 93 24.00 -14.76 -7.76
N ASP A 94 22.86 -15.46 -7.81
CA ASP A 94 21.63 -15.06 -7.12
C ASP A 94 21.92 -14.86 -5.64
N ALA A 95 22.57 -15.83 -5.02
CA ALA A 95 22.86 -15.82 -3.60
C ALA A 95 23.86 -14.72 -3.21
N ALA A 96 24.88 -14.53 -4.04
CA ALA A 96 25.95 -13.56 -3.79
C ALA A 96 25.39 -12.15 -3.76
N ILE A 97 24.46 -11.87 -4.68
CA ILE A 97 23.85 -10.55 -4.73
C ILE A 97 22.67 -10.39 -3.75
N ARG A 98 21.70 -11.27 -3.83
CA ARG A 98 20.47 -11.02 -3.10
C ARG A 98 20.60 -11.30 -1.60
N TYR A 99 21.51 -12.17 -1.21
CA TYR A 99 21.67 -12.48 0.20
C TYR A 99 23.08 -12.21 0.67
N SER A 100 23.87 -11.58 -0.19
CA SER A 100 25.25 -11.26 0.16
C SER A 100 26.00 -12.49 0.68
N ASP A 101 25.79 -13.63 0.02
CA ASP A 101 26.33 -14.90 0.56
C ASP A 101 27.84 -14.99 0.32
N GLY A 102 28.62 -15.11 1.39
CA GLY A 102 30.07 -15.07 1.30
C GLY A 102 30.68 -16.32 0.69
N THR A 103 30.08 -17.48 0.97
CA THR A 103 30.62 -18.71 0.36
C THR A 103 30.36 -18.69 -1.15
N ALA A 104 29.17 -18.26 -1.53
CA ALA A 104 28.84 -18.08 -2.95
C ALA A 104 29.85 -17.15 -3.61
N ALA A 105 30.17 -16.02 -2.96
CA ALA A 105 31.17 -15.11 -3.51
C ALA A 105 32.54 -15.79 -3.71
N ASN A 106 33.01 -16.50 -2.68
CA ASN A 106 34.25 -17.25 -2.76
C ASN A 106 34.25 -18.28 -3.89
N LEU A 107 33.11 -18.93 -4.11
CA LEU A 107 33.04 -19.92 -5.17
C LEU A 107 33.10 -19.22 -6.55
N LEU A 108 32.45 -18.06 -6.68
CA LEU A 108 32.51 -17.31 -7.93
C LEU A 108 33.90 -16.77 -8.21
N LEU A 109 34.58 -16.29 -7.17
CA LEU A 109 35.97 -15.86 -7.29
C LEU A 109 36.85 -17.00 -7.84
N ALA A 110 36.69 -18.19 -7.26
CA ALA A 110 37.40 -19.38 -7.69
C ALA A 110 37.05 -19.67 -9.14
N ASP A 111 35.79 -19.44 -9.52
CA ASP A 111 35.36 -19.67 -10.90
C ASP A 111 36.09 -18.74 -11.90
N LEU A 112 36.44 -17.53 -11.47
CA LEU A 112 37.23 -16.63 -12.32
C LEU A 112 38.65 -17.20 -12.56
N GLY A 113 39.15 -17.92 -11.58
CA GLY A 113 40.44 -18.60 -11.65
C GLY A 113 41.62 -17.69 -11.38
N GLY A 114 42.81 -18.27 -11.39
CA GLY A 114 44.04 -17.52 -11.24
C GLY A 114 44.45 -17.33 -9.78
N PRO A 115 45.60 -16.68 -9.56
CA PRO A 115 46.19 -16.47 -8.22
C PRO A 115 45.33 -15.68 -7.22
N GLY A 116 45.58 -15.87 -5.92
CA GLY A 116 44.76 -15.20 -4.92
C GLY A 116 43.32 -15.63 -4.86
N GLY A 117 43.06 -16.87 -5.27
CA GLY A 117 41.73 -17.45 -5.30
C GLY A 117 40.73 -16.71 -6.20
N GLY A 118 41.22 -16.01 -7.23
CA GLY A 118 40.38 -15.29 -8.17
C GLY A 118 40.43 -13.75 -8.02
N THR A 119 41.03 -13.28 -6.93
CA THR A 119 41.07 -11.84 -6.64
C THR A 119 41.86 -11.03 -7.65
N ALA A 120 42.98 -11.53 -8.14
CA ALA A 120 43.73 -10.81 -9.19
C ALA A 120 42.87 -10.69 -10.45
N ALA A 121 42.20 -11.76 -10.85
CA ALA A 121 41.36 -11.77 -12.02
C ALA A 121 40.18 -10.80 -11.84
N PHE A 122 39.56 -10.82 -10.65
CA PHE A 122 38.50 -9.83 -10.35
C PHE A 122 39.03 -8.39 -10.53
N THR A 123 40.19 -8.07 -9.98
CA THR A 123 40.76 -6.72 -10.14
C THR A 123 41.00 -6.45 -11.64
N GLY A 124 41.46 -7.47 -12.37
CA GLY A 124 41.57 -7.33 -13.81
C GLY A 124 40.27 -6.98 -14.51
N TYR A 125 39.18 -7.60 -14.05
CA TYR A 125 37.89 -7.24 -14.61
C TYR A 125 37.57 -5.73 -14.38
N LEU A 126 37.77 -5.26 -13.15
CA LEU A 126 37.57 -3.82 -12.88
C LEU A 126 38.47 -2.97 -13.82
N ARG A 127 39.72 -3.38 -14.06
CA ARG A 127 40.58 -2.59 -14.97
C ARG A 127 39.98 -2.48 -16.38
N SER A 128 39.29 -3.52 -16.84
CA SER A 128 38.70 -3.51 -18.15
C SER A 128 37.55 -2.51 -18.21
N LEU A 129 37.03 -2.11 -17.05
CA LEU A 129 36.02 -1.08 -17.06
C LEU A 129 36.61 0.31 -16.77
N GLY A 130 37.93 0.47 -16.83
CA GLY A 130 38.57 1.77 -16.61
C GLY A 130 38.81 2.15 -15.15
N ASP A 131 38.53 1.23 -14.23
CA ASP A 131 38.72 1.47 -12.79
C ASP A 131 40.14 1.07 -12.40
N THR A 132 41.03 2.04 -12.24
CA THR A 132 42.41 1.74 -11.90
C THR A 132 42.69 1.79 -10.43
N VAL A 133 41.67 2.10 -9.64
CA VAL A 133 41.91 2.41 -8.23
C VAL A 133 41.60 1.23 -7.36
N SER A 134 40.48 0.57 -7.61
CA SER A 134 40.01 -0.50 -6.74
C SER A 134 40.90 -1.74 -6.84
N ARG A 135 40.90 -2.53 -5.76
CA ARG A 135 41.62 -3.77 -5.72
C ARG A 135 40.95 -4.71 -4.73
N LEU A 136 40.87 -5.98 -5.08
CA LEU A 136 40.40 -7.02 -4.18
C LEU A 136 41.55 -8.02 -3.95
N ASP A 137 41.86 -8.31 -2.69
CA ASP A 137 43.04 -9.07 -2.30
C ASP A 137 42.79 -10.34 -1.46
N ALA A 138 41.62 -10.48 -0.84
CA ALA A 138 41.39 -11.62 0.06
C ALA A 138 40.01 -12.10 -0.24
N GLU A 139 39.62 -13.29 0.21
CA GLU A 139 38.23 -13.65 0.03
C GLU A 139 37.46 -13.40 1.31
N ALA A 140 36.20 -13.80 1.34
CA ALA A 140 35.36 -13.65 2.54
C ALA A 140 35.84 -14.67 3.55
N PRO A 141 35.89 -14.30 4.84
CA PRO A 141 35.55 -13.00 5.41
C PRO A 141 36.72 -12.04 5.58
N GLU A 142 37.94 -12.50 5.31
CA GLU A 142 39.09 -11.65 5.60
C GLU A 142 38.97 -10.29 4.93
N LEU A 143 38.33 -10.20 3.76
CA LEU A 143 38.24 -8.92 3.05
C LEU A 143 37.44 -7.82 3.83
N ASN A 144 36.69 -8.18 4.86
CA ASN A 144 35.94 -7.17 5.63
C ASN A 144 36.74 -6.60 6.81
N ARG A 145 37.95 -7.12 6.99
CA ARG A 145 38.71 -7.03 8.24
C ARG A 145 40.07 -6.32 8.17
N ASP A 146 40.45 -5.77 7.01
CA ASP A 146 41.68 -5.02 6.95
C ASP A 146 41.60 -3.77 7.82
N PRO A 147 42.75 -3.39 8.39
CA PRO A 147 42.85 -2.19 9.23
C PRO A 147 42.65 -0.92 8.41
N PRO A 148 42.13 0.14 9.04
CA PRO A 148 42.10 1.46 8.40
C PRO A 148 43.48 1.82 7.91
N GLY A 149 43.55 2.36 6.70
CA GLY A 149 44.83 2.71 6.10
C GLY A 149 45.36 1.64 5.17
N ASP A 150 44.95 0.38 5.36
CA ASP A 150 45.41 -0.64 4.43
C ASP A 150 44.73 -0.40 3.06
N GLU A 151 45.46 -0.31 1.95
CA GLU A 151 44.76 -0.14 0.67
C GLU A 151 44.14 -1.44 0.15
N ARG A 152 44.46 -2.58 0.76
CA ARG A 152 43.93 -3.85 0.23
C ARG A 152 42.41 -3.92 0.35
N ASP A 153 41.76 -4.47 -0.67
CA ASP A 153 40.31 -4.68 -0.60
C ASP A 153 39.53 -3.37 -0.51
N THR A 154 40.03 -2.31 -1.16
CA THR A 154 39.38 -1.00 -1.10
C THR A 154 38.91 -0.54 -2.46
N THR A 155 37.93 0.35 -2.46
CA THR A 155 37.54 1.06 -3.66
C THR A 155 37.34 2.52 -3.19
N THR A 156 36.80 3.37 -4.05
CA THR A 156 36.38 4.70 -3.65
C THR A 156 34.94 4.85 -4.14
N PRO A 157 34.16 5.74 -3.52
CA PRO A 157 32.78 5.97 -4.00
C PRO A 157 32.74 6.35 -5.51
N HIS A 158 33.68 7.18 -5.89
CA HIS A 158 33.80 7.57 -7.30
C HIS A 158 33.97 6.35 -8.20
N ALA A 159 34.91 5.49 -7.84
CA ALA A 159 35.29 4.38 -8.73
C ALA A 159 34.16 3.36 -8.84
N ILE A 160 33.58 2.96 -7.70
CA ILE A 160 32.54 1.94 -7.74
C ILE A 160 31.27 2.45 -8.43
N ALA A 161 30.98 3.73 -8.28
CA ALA A 161 29.81 4.31 -8.95
C ALA A 161 29.94 4.23 -10.49
N LEU A 162 31.12 4.56 -11.00
CA LEU A 162 31.36 4.53 -12.45
C LEU A 162 31.33 3.08 -12.94
N VAL A 163 31.81 2.14 -12.13
CA VAL A 163 31.71 0.73 -12.50
C VAL A 163 30.23 0.32 -12.61
N LEU A 164 29.46 0.61 -11.55
CA LEU A 164 28.05 0.23 -11.53
C LEU A 164 27.29 0.91 -12.68
N GLN A 165 27.64 2.14 -12.96
CA GLN A 165 27.01 2.85 -14.09
C GLN A 165 27.18 2.06 -15.40
N GLN A 166 28.40 1.65 -15.72
CA GLN A 166 28.61 0.86 -16.95
C GLN A 166 27.87 -0.46 -17.00
N LEU A 167 27.81 -1.14 -15.85
CA LEU A 167 27.18 -2.46 -15.75
C LEU A 167 25.70 -2.42 -15.91
N VAL A 168 25.06 -1.42 -15.33
CA VAL A 168 23.61 -1.42 -15.32
C VAL A 168 23.00 -0.52 -16.37
N LEU A 169 23.57 0.66 -16.52
CA LEU A 169 23.05 1.66 -17.46
C LEU A 169 23.84 1.72 -18.81
N GLY A 170 25.09 1.29 -18.80
CA GLY A 170 25.96 1.32 -19.98
C GLY A 170 26.01 0.00 -20.73
N ASN A 171 27.05 -0.20 -21.55
CA ASN A 171 27.11 -1.37 -22.45
C ASN A 171 28.20 -2.37 -22.04
N ALA A 172 28.58 -2.38 -20.76
CA ALA A 172 29.59 -3.32 -20.29
C ALA A 172 29.16 -4.76 -20.50
N LEU A 173 27.86 -5.03 -20.38
CA LEU A 173 27.33 -6.36 -20.62
C LEU A 173 26.31 -6.27 -21.75
N PRO A 174 26.10 -7.37 -22.51
CA PRO A 174 25.01 -7.42 -23.49
C PRO A 174 23.66 -7.46 -22.77
N PRO A 175 22.59 -7.04 -23.45
CA PRO A 175 21.28 -6.89 -22.80
C PRO A 175 20.82 -8.07 -21.96
N ASP A 176 21.00 -9.30 -22.44
CA ASP A 176 20.55 -10.45 -21.66
C ASP A 176 21.27 -10.65 -20.33
N LYS A 177 22.59 -10.48 -20.35
CA LYS A 177 23.39 -10.67 -19.14
C LYS A 177 23.14 -9.44 -18.23
N ARG A 178 23.03 -8.24 -18.85
CA ARG A 178 22.70 -7.00 -18.12
C ARG A 178 21.36 -7.12 -17.35
N ALA A 179 20.32 -7.69 -17.98
CA ALA A 179 19.04 -7.89 -17.32
C ALA A 179 19.11 -8.83 -16.09
N LEU A 180 19.93 -9.87 -16.16
CA LEU A 180 20.10 -10.84 -15.05
C LEU A 180 20.73 -10.11 -13.85
N LEU A 181 21.81 -9.39 -14.12
CA LEU A 181 22.46 -8.62 -13.04
C LEU A 181 21.50 -7.58 -12.42
N THR A 182 20.80 -6.84 -13.27
CA THR A 182 19.79 -5.84 -12.84
C THR A 182 18.67 -6.40 -11.97
N ASP A 183 18.14 -7.52 -12.44
CA ASP A 183 17.10 -8.23 -11.75
C ASP A 183 17.58 -8.74 -10.37
N TRP A 184 18.78 -9.30 -10.24
CA TRP A 184 19.22 -9.76 -8.92
C TRP A 184 19.37 -8.59 -7.95
N MET A 185 19.92 -7.49 -8.43
CA MET A 185 20.06 -6.30 -7.57
C MET A 185 18.68 -5.74 -7.22
N ALA A 186 17.71 -5.79 -8.15
CA ALA A 186 16.36 -5.28 -7.89
C ALA A 186 15.69 -6.05 -6.74
N ARG A 187 16.00 -7.34 -6.64
CA ARG A 187 15.39 -8.21 -5.63
C ARG A 187 16.31 -8.50 -4.43
N ASN A 188 17.28 -7.61 -4.24
CA ASN A 188 18.15 -7.70 -3.08
C ASN A 188 17.33 -7.71 -1.76
N THR A 189 17.77 -8.49 -0.78
CA THR A 189 17.03 -8.56 0.48
C THR A 189 17.75 -7.89 1.66
N THR A 190 18.89 -7.27 1.40
CA THR A 190 19.74 -6.78 2.49
C THR A 190 19.82 -5.26 2.67
N GLY A 191 19.23 -4.50 1.75
CA GLY A 191 19.42 -3.06 1.76
C GLY A 191 18.22 -2.20 2.09
N ALA A 192 17.21 -2.77 2.73
CA ALA A 192 15.99 -2.03 3.05
C ALA A 192 16.23 -0.82 3.93
N LYS A 193 17.23 -0.90 4.81
CA LYS A 193 17.48 0.17 5.77
C LYS A 193 18.53 1.18 5.31
N ARG A 194 19.01 1.03 4.08
CA ARG A 194 20.05 1.92 3.58
C ARG A 194 19.54 2.88 2.50
N ILE A 195 20.14 2.82 1.31
CA ILE A 195 19.74 3.73 0.23
C ILE A 195 18.24 3.67 -0.02
N ARG A 196 17.67 2.48 0.02
CA ARG A 196 16.25 2.32 -0.24
C ARG A 196 15.45 3.13 0.78
N ALA A 197 15.90 3.14 2.02
CA ALA A 197 15.18 3.85 3.09
C ALA A 197 15.24 5.36 3.00
N GLY A 198 16.19 5.86 2.22
CA GLY A 198 16.43 7.28 2.09
C GLY A 198 15.69 7.90 0.91
N PHE A 199 15.18 7.07 0.00
CA PHE A 199 14.45 7.46 -1.22
C PHE A 199 12.98 7.22 -1.13
N PRO A 200 12.20 8.21 -1.62
CA PRO A 200 10.76 7.94 -1.52
C PRO A 200 10.39 6.68 -2.28
N ALA A 201 9.30 6.10 -1.81
CA ALA A 201 8.88 4.78 -2.28
C ALA A 201 8.60 4.74 -3.79
N ASP A 202 8.20 5.87 -4.36
CA ASP A 202 7.89 5.87 -5.80
C ASP A 202 9.15 6.00 -6.71
N TRP A 203 10.34 6.02 -6.12
CA TRP A 203 11.61 5.92 -6.87
C TRP A 203 11.94 4.45 -6.83
N LYS A 204 12.34 3.90 -7.97
CA LYS A 204 12.84 2.52 -7.97
C LYS A 204 14.26 2.44 -7.49
N VAL A 205 14.58 1.42 -6.68
CA VAL A 205 15.95 1.26 -6.17
C VAL A 205 16.47 -0.17 -6.31
N ILE A 206 17.62 -0.35 -6.95
CA ILE A 206 18.30 -1.67 -6.98
C ILE A 206 19.63 -1.45 -6.27
N ASP A 207 20.11 -2.41 -5.48
CA ASP A 207 21.30 -2.09 -4.70
C ASP A 207 22.07 -3.33 -4.28
N LYS A 208 23.29 -3.10 -3.79
CA LYS A 208 24.10 -4.13 -3.18
C LYS A 208 24.79 -3.52 -1.97
N THR A 209 24.59 -4.14 -0.81
CA THR A 209 25.15 -3.66 0.45
C THR A 209 26.53 -4.24 0.74
N GLY A 210 27.20 -3.60 1.70
CA GLY A 210 28.41 -4.11 2.30
C GLY A 210 28.50 -3.73 3.79
N THR A 211 28.93 -4.65 4.65
CA THR A 211 29.01 -4.40 6.09
C THR A 211 30.29 -5.03 6.60
N GLY A 212 30.95 -4.38 7.55
CA GLY A 212 32.24 -4.86 8.04
C GLY A 212 32.62 -4.35 9.43
N ASP A 213 33.83 -4.72 9.87
CA ASP A 213 34.39 -4.26 11.14
C ASP A 213 34.82 -2.78 11.03
N TYR A 214 35.33 -2.19 12.12
CA TYR A 214 35.56 -0.74 12.11
C TYR A 214 34.35 0.08 11.66
N GLY A 215 33.16 -0.38 12.03
CA GLY A 215 31.93 0.35 11.77
C GLY A 215 31.66 0.54 10.27
N ARG A 216 32.11 -0.39 9.44
CA ARG A 216 31.93 -0.27 8.01
C ARG A 216 30.49 -0.58 7.56
N ALA A 217 29.88 0.35 6.82
CA ALA A 217 28.57 0.15 6.20
C ALA A 217 28.52 0.87 4.85
N ASN A 218 28.25 0.12 3.77
CA ASN A 218 28.19 0.66 2.40
C ASN A 218 26.89 0.28 1.73
N ASP A 219 26.56 1.01 0.66
CA ASP A 219 25.47 0.58 -0.21
C ASP A 219 25.73 1.25 -1.56
N ILE A 220 25.58 0.50 -2.63
CA ILE A 220 25.71 1.04 -3.98
C ILE A 220 24.42 0.73 -4.69
N ALA A 221 23.87 1.70 -5.41
CA ALA A 221 22.54 1.55 -5.98
C ALA A 221 22.43 2.21 -7.34
N VAL A 222 21.47 1.74 -8.14
CA VAL A 222 20.96 2.54 -9.24
C VAL A 222 19.52 2.85 -8.87
N VAL A 223 19.13 4.13 -9.01
CA VAL A 223 17.77 4.55 -8.70
C VAL A 223 17.12 5.15 -9.93
N TRP A 224 15.79 5.07 -9.99
CA TRP A 224 15.05 5.71 -11.06
C TRP A 224 13.98 6.64 -10.50
N SER A 225 13.91 7.86 -10.99
CA SER A 225 12.91 8.81 -10.51
C SER A 225 11.50 8.29 -10.90
N PRO A 226 10.45 8.90 -10.33
CA PRO A 226 9.07 8.50 -10.65
C PRO A 226 8.72 8.64 -12.14
N THR A 227 9.52 9.39 -12.90
CA THR A 227 9.31 9.48 -14.36
C THR A 227 10.38 8.72 -15.14
N GLY A 228 11.18 7.90 -14.46
CA GLY A 228 12.08 6.97 -15.13
C GLY A 228 13.49 7.48 -15.39
N VAL A 229 13.87 8.58 -14.74
CA VAL A 229 15.22 9.12 -14.98
C VAL A 229 16.20 8.43 -14.00
N PRO A 230 17.24 7.77 -14.54
CA PRO A 230 18.18 7.02 -13.69
C PRO A 230 19.36 7.79 -13.13
N TYR A 231 19.78 7.44 -11.91
CA TYR A 231 21.03 7.96 -11.29
C TYR A 231 21.75 6.81 -10.58
N VAL A 232 23.07 6.89 -10.49
CA VAL A 232 23.84 5.93 -9.74
C VAL A 232 24.22 6.59 -8.42
N VAL A 233 24.08 5.87 -7.31
CA VAL A 233 24.36 6.41 -5.97
C VAL A 233 25.28 5.47 -5.22
N ALA A 234 26.45 5.96 -4.81
CA ALA A 234 27.33 5.17 -3.99
C ALA A 234 27.53 5.87 -2.65
N VAL A 235 27.22 5.15 -1.57
CA VAL A 235 27.45 5.66 -0.23
C VAL A 235 28.28 4.67 0.56
N MET A 236 29.36 5.15 1.15
CA MET A 236 30.24 4.31 1.94
C MET A 236 30.56 4.99 3.26
N SER A 237 30.75 4.21 4.31
CA SER A 237 31.07 4.81 5.59
C SER A 237 31.86 3.86 6.46
N ASP A 238 32.65 4.43 7.36
CA ASP A 238 33.24 3.67 8.41
C ASP A 238 33.49 4.53 9.67
N ARG A 239 33.82 3.87 10.76
CA ARG A 239 34.04 4.51 12.05
C ARG A 239 35.32 4.08 12.73
N ALA A 240 36.45 4.37 12.08
CA ALA A 240 37.75 3.84 12.53
C ALA A 240 38.13 4.30 13.95
N GLY A 241 37.58 5.43 14.38
CA GLY A 241 37.88 6.00 15.69
C GLY A 241 37.41 5.06 16.79
N GLY A 242 36.47 4.18 16.48
CA GLY A 242 36.01 3.24 17.48
C GLY A 242 36.75 1.91 17.44
N GLY A 243 37.78 1.78 16.58
CA GLY A 243 38.52 0.52 16.52
C GLY A 243 37.73 -0.62 15.87
N TYR A 244 38.25 -1.85 15.97
CA TYR A 244 37.71 -3.01 15.25
C TYR A 244 36.22 -3.22 15.54
N ASP A 245 35.80 -3.01 16.78
CA ASP A 245 34.44 -3.28 17.26
C ASP A 245 33.44 -2.15 17.04
N ALA A 246 33.84 -1.09 16.36
CA ALA A 246 32.90 0.02 16.12
C ALA A 246 31.65 -0.45 15.37
N GLU A 247 30.47 0.04 15.75
CA GLU A 247 29.23 -0.40 15.16
C GLU A 247 28.96 0.37 13.89
N PRO A 248 28.60 -0.34 12.80
CA PRO A 248 28.15 0.25 11.54
C PRO A 248 26.86 1.00 11.79
N ARG A 249 26.62 2.12 11.10
CA ARG A 249 25.40 2.88 11.32
C ARG A 249 24.60 2.90 10.02
N GLU A 250 23.63 2.01 9.83
CA GLU A 250 22.87 1.99 8.59
C GLU A 250 22.06 3.29 8.39
N ALA A 251 21.64 3.90 9.50
CA ALA A 251 20.81 5.09 9.48
C ALA A 251 21.54 6.24 8.78
N LEU A 252 22.84 6.32 8.97
CA LEU A 252 23.65 7.36 8.33
C LEU A 252 23.55 7.24 6.82
N LEU A 253 23.59 6.01 6.31
CA LEU A 253 23.44 5.77 4.88
C LEU A 253 22.07 6.21 4.37
N ALA A 254 21.03 5.92 5.16
CA ALA A 254 19.69 6.30 4.77
C ALA A 254 19.54 7.84 4.76
N GLU A 255 20.11 8.53 5.74
CA GLU A 255 20.04 9.99 5.79
C GLU A 255 20.81 10.63 4.60
N ALA A 256 22.00 10.12 4.33
CA ALA A 256 22.77 10.62 3.20
C ALA A 256 21.96 10.43 1.90
N ALA A 257 21.33 9.28 1.74
CA ALA A 257 20.49 9.05 0.56
C ALA A 257 19.33 10.06 0.48
N THR A 258 18.72 10.41 1.62
CA THR A 258 17.65 11.45 1.61
C THR A 258 18.20 12.82 1.14
N CYS A 259 19.38 13.21 1.62
CA CYS A 259 20.01 14.45 1.19
C CYS A 259 20.20 14.38 -0.34
N VAL A 260 20.75 13.27 -0.82
CA VAL A 260 20.88 13.07 -2.27
C VAL A 260 19.54 13.18 -3.02
N ALA A 261 18.53 12.48 -2.55
CA ALA A 261 17.22 12.52 -3.24
C ALA A 261 16.73 13.96 -3.34
N GLY A 262 16.98 14.75 -2.30
CA GLY A 262 16.48 16.12 -2.31
C GLY A 262 17.14 16.95 -3.42
N VAL A 263 18.39 16.68 -3.69
CA VAL A 263 19.12 17.35 -4.75
C VAL A 263 18.64 16.83 -6.12
N LEU A 264 18.32 15.55 -6.22
CA LEU A 264 17.90 14.95 -7.50
C LEU A 264 16.45 15.28 -7.86
N ALA A 265 15.65 15.70 -6.88
CA ALA A 265 14.26 15.99 -7.15
C ALA A 265 14.06 17.26 -7.99
N ASP B 1 -20.28 -28.08 -0.07
CA ASP B 1 -19.67 -27.63 -1.32
C ASP B 1 -18.32 -26.93 -1.09
N LEU B 2 -17.98 -26.60 0.15
CA LEU B 2 -16.67 -26.02 0.42
C LEU B 2 -15.54 -27.04 0.24
N ALA B 3 -15.67 -28.25 0.77
CA ALA B 3 -14.62 -29.25 0.55
C ALA B 3 -14.43 -29.48 -0.96
N ASP B 4 -15.51 -29.36 -1.72
CA ASP B 4 -15.43 -29.53 -3.16
C ASP B 4 -14.61 -28.43 -3.80
N ARG B 5 -14.81 -27.22 -3.31
CA ARG B 5 -14.06 -26.06 -3.80
C ARG B 5 -12.59 -26.20 -3.47
N PHE B 6 -12.28 -26.73 -2.29
CA PHE B 6 -10.89 -26.87 -1.87
C PHE B 6 -10.25 -27.93 -2.78
N ALA B 7 -10.99 -28.99 -3.09
CA ALA B 7 -10.44 -30.07 -3.94
C ALA B 7 -10.10 -29.54 -5.31
N GLU B 8 -10.99 -28.73 -5.85
CA GLU B 8 -10.70 -28.09 -7.11
C GLU B 8 -9.47 -27.20 -7.11
N LEU B 9 -9.22 -26.48 -6.01
CA LEU B 9 -7.96 -25.73 -5.89
C LEU B 9 -6.76 -26.68 -5.89
N GLU B 10 -6.83 -27.74 -5.09
CA GLU B 10 -5.78 -28.78 -5.05
C GLU B 10 -5.40 -29.26 -6.43
N ARG B 11 -6.43 -29.48 -7.25
CA ARG B 11 -6.22 -29.93 -8.63
C ARG B 11 -5.59 -28.85 -9.48
N ARG B 12 -6.11 -27.61 -9.42
CA ARG B 12 -5.55 -26.50 -10.20
C ARG B 12 -4.08 -26.22 -9.88
N TYR B 13 -3.69 -26.37 -8.63
CA TYR B 13 -2.36 -25.92 -8.22
C TYR B 13 -1.40 -27.07 -8.03
N ASP B 14 -1.83 -28.29 -8.36
CA ASP B 14 -1.01 -29.49 -8.10
C ASP B 14 -0.49 -29.51 -6.67
N ALA B 15 -1.39 -29.49 -5.72
CA ALA B 15 -0.95 -29.32 -4.36
C ALA B 15 -1.88 -30.02 -3.42
N ARG B 16 -1.40 -30.32 -2.21
CA ARG B 16 -2.25 -30.75 -1.15
C ARG B 16 -2.48 -29.53 -0.25
N LEU B 17 -3.71 -29.31 0.18
CA LEU B 17 -4.10 -28.10 0.88
C LEU B 17 -4.75 -28.52 2.18
N GLY B 18 -4.38 -27.85 3.29
CA GLY B 18 -4.99 -28.06 4.59
C GLY B 18 -5.58 -26.76 5.14
N VAL B 19 -6.79 -26.81 5.69
CA VAL B 19 -7.47 -25.62 6.22
C VAL B 19 -8.20 -25.88 7.54
N TYR B 20 -8.02 -24.99 8.51
CA TYR B 20 -8.86 -25.06 9.69
C TYR B 20 -9.23 -23.67 10.17
N VAL B 21 -10.50 -23.47 10.45
CA VAL B 21 -10.98 -22.26 11.10
C VAL B 21 -11.82 -22.74 12.30
N PRO B 22 -11.40 -22.43 13.54
CA PRO B 22 -12.15 -22.95 14.69
C PRO B 22 -13.58 -22.45 14.72
N ALA B 23 -14.46 -23.26 15.33
CA ALA B 23 -15.83 -22.87 15.65
C ALA B 23 -15.89 -21.59 16.48
N THR B 24 -16.93 -20.79 16.26
CA THR B 24 -17.22 -19.66 17.13
C THR B 24 -18.67 -19.73 17.61
N GLY B 25 -19.01 -18.83 18.51
CA GLY B 25 -20.38 -18.72 19.00
C GLY B 25 -21.43 -18.90 17.92
N THR B 26 -21.20 -18.30 16.74
CA THR B 26 -22.18 -18.33 15.66
C THR B 26 -21.80 -19.13 14.38
N THR B 27 -20.60 -19.73 14.33
CA THR B 27 -20.18 -20.50 13.13
C THR B 27 -19.55 -21.86 13.45
N ALA B 28 -19.83 -22.82 12.57
CA ALA B 28 -19.21 -24.14 12.61
C ALA B 28 -17.72 -24.04 12.26
N ALA B 29 -16.92 -24.98 12.76
CA ALA B 29 -15.54 -25.11 12.31
C ALA B 29 -15.49 -25.34 10.79
N ILE B 30 -14.43 -24.86 10.15
CA ILE B 30 -14.20 -25.17 8.76
C ILE B 30 -12.96 -26.03 8.74
N GLU B 31 -13.02 -27.15 8.05
CA GLU B 31 -11.87 -28.02 8.05
C GLU B 31 -11.71 -28.83 6.77
N TYR B 32 -10.46 -28.95 6.36
CA TYR B 32 -10.13 -29.65 5.15
C TYR B 32 -8.72 -30.16 5.40
N ARG B 33 -8.62 -31.48 5.57
CA ARG B 33 -7.37 -32.17 5.90
C ARG B 33 -6.83 -31.53 7.16
N ALA B 34 -7.72 -31.15 8.07
CA ALA B 34 -7.32 -30.38 9.22
C ALA B 34 -6.53 -31.22 10.21
N ASP B 35 -6.62 -32.55 10.09
CA ASP B 35 -5.78 -33.39 10.96
C ASP B 35 -4.67 -34.17 10.27
N GLU B 36 -4.39 -33.84 9.00
CA GLU B 36 -3.20 -34.37 8.36
C GLU B 36 -2.02 -33.49 8.75
N ARG B 37 -0.81 -34.06 8.75
CA ARG B 37 0.39 -33.31 9.11
C ARG B 37 0.92 -32.58 7.89
N PHE B 38 1.42 -31.37 8.11
CA PHE B 38 2.08 -30.56 7.10
C PHE B 38 3.36 -30.04 7.72
N ALA B 39 4.37 -29.76 6.90
CA ALA B 39 5.62 -29.22 7.41
C ALA B 39 5.35 -27.91 8.16
N PHE B 40 5.93 -27.79 9.35
CA PHE B 40 5.80 -26.59 10.15
C PHE B 40 6.33 -25.37 9.38
N CYS B 41 7.52 -25.51 8.90
CA CYS B 41 8.23 -24.49 8.18
C CYS B 41 8.41 -23.41 9.24
N SER B 42 8.36 -22.08 9.10
CA SER B 42 8.71 -20.84 9.81
C SER B 42 7.52 -20.36 10.62
N THR B 43 6.22 -21.10 10.55
CA THR B 43 5.06 -20.65 11.30
C THR B 43 5.22 -20.85 12.81
N PHE B 44 6.16 -21.71 13.19
CA PHE B 44 6.42 -21.98 14.60
C PHE B 44 7.02 -20.78 15.32
N LYS B 45 7.52 -19.82 14.56
CA LYS B 45 8.14 -18.63 15.14
C LYS B 45 7.15 -17.77 15.92
N ALA B 46 5.86 -17.94 15.63
CA ALA B 46 4.81 -17.21 16.33
C ALA B 46 4.73 -17.67 17.78
N PRO B 47 4.43 -18.94 17.98
CA PRO B 47 4.39 -19.52 19.34
C PRO B 47 5.74 -19.48 20.05
N LEU B 48 6.85 -19.54 19.29
CA LEU B 48 8.19 -19.35 19.88
C LEU B 48 8.32 -17.99 20.56
N VAL B 49 7.98 -16.91 19.87
CA VAL B 49 7.94 -15.61 20.49
C VAL B 49 7.01 -15.60 21.72
N ALA B 50 5.82 -16.20 21.62
CA ALA B 50 4.96 -16.38 22.82
C ALA B 50 5.71 -17.08 23.97
N ALA B 51 6.45 -18.14 23.67
CA ALA B 51 7.15 -18.87 24.73
C ALA B 51 8.20 -17.98 25.44
N VAL B 52 8.99 -17.20 24.69
CA VAL B 52 9.95 -16.29 25.29
C VAL B 52 9.26 -15.20 26.13
N LEU B 53 8.16 -14.66 25.61
CA LEU B 53 7.39 -13.64 26.32
C LEU B 53 6.83 -14.23 27.60
N HIS B 54 6.37 -15.47 27.51
CA HIS B 54 5.73 -16.12 28.64
C HIS B 54 6.70 -16.34 29.82
N GLN B 55 7.91 -16.79 29.56
CA GLN B 55 8.73 -17.19 30.68
C GLN B 55 9.71 -16.13 31.15
N ASN B 56 9.52 -14.88 30.73
CA ASN B 56 10.36 -13.78 31.19
C ASN B 56 9.55 -12.53 31.48
N PRO B 57 10.06 -11.71 32.39
CA PRO B 57 9.44 -10.39 32.55
C PRO B 57 9.58 -9.63 31.24
N LEU B 58 8.85 -8.55 31.13
CA LEU B 58 8.92 -7.73 29.95
C LEU B 58 10.31 -7.11 29.75
N THR B 59 11.00 -6.75 30.84
CA THR B 59 12.29 -6.07 30.68
C THR B 59 13.38 -7.00 30.08
N HIS B 60 13.08 -8.29 29.95
CA HIS B 60 13.98 -9.23 29.30
C HIS B 60 14.12 -8.88 27.81
N LEU B 61 13.13 -8.22 27.24
CA LEU B 61 13.20 -7.82 25.84
C LEU B 61 14.38 -6.88 25.58
N ASP B 62 14.86 -6.21 26.63
CA ASP B 62 15.99 -5.29 26.52
C ASP B 62 17.36 -5.97 26.46
N LYS B 63 17.40 -7.26 26.78
CA LYS B 63 18.69 -7.90 26.90
C LYS B 63 19.39 -8.05 25.55
N LEU B 64 20.66 -7.66 25.49
CA LEU B 64 21.41 -7.67 24.23
C LEU B 64 22.06 -9.01 23.95
N ILE B 65 21.76 -9.59 22.78
CA ILE B 65 22.36 -10.85 22.39
C ILE B 65 23.38 -10.62 21.29
N THR B 66 24.60 -11.12 21.49
CA THR B 66 25.64 -10.98 20.48
C THR B 66 25.88 -12.33 19.79
N TYR B 67 26.24 -12.30 18.51
CA TYR B 67 26.41 -13.55 17.76
C TYR B 67 27.45 -13.23 16.68
N THR B 68 27.83 -14.19 15.86
CA THR B 68 28.89 -13.94 14.88
C THR B 68 28.43 -14.21 13.45
N SER B 69 29.27 -13.84 12.48
CA SER B 69 28.98 -14.07 11.07
C SER B 69 28.72 -15.54 10.78
N ASP B 70 29.47 -16.41 11.44
CA ASP B 70 29.32 -17.86 11.26
C ASP B 70 28.01 -18.38 11.80
N ASP B 71 27.29 -17.57 12.57
CA ASP B 71 25.96 -17.93 13.02
C ASP B 71 24.89 -17.72 11.93
N ILE B 72 25.23 -16.95 10.89
CA ILE B 72 24.28 -16.71 9.80
C ILE B 72 24.34 -17.88 8.81
N ARG B 73 23.45 -18.84 8.98
CA ARG B 73 23.48 -20.04 8.14
C ARG B 73 22.09 -20.32 7.55
N SER B 74 21.21 -19.34 7.62
CA SER B 74 19.88 -19.47 7.03
C SER B 74 19.46 -18.04 6.71
N ILE B 75 18.44 -17.85 5.86
CA ILE B 75 17.99 -16.50 5.52
C ILE B 75 17.54 -15.68 6.74
N SER B 76 18.22 -14.55 6.95
CA SER B 76 18.11 -13.79 8.19
C SER B 76 18.18 -12.33 7.83
N PRO B 77 17.09 -11.80 7.25
CA PRO B 77 17.16 -10.46 6.66
C PRO B 77 17.56 -9.37 7.68
N VAL B 78 17.19 -9.52 8.95
CA VAL B 78 17.54 -8.48 9.93
C VAL B 78 18.84 -8.83 10.65
N ALA B 79 18.93 -10.03 11.22
CA ALA B 79 20.14 -10.41 12.00
C ALA B 79 21.42 -10.32 11.18
N GLN B 80 21.31 -10.56 9.89
CA GLN B 80 22.54 -10.49 9.06
C GLN B 80 23.17 -9.06 9.02
N GLN B 81 22.33 -8.04 9.20
CA GLN B 81 22.80 -6.65 9.19
C GLN B 81 23.30 -6.20 10.56
N HIS B 82 23.25 -7.09 11.54
CA HIS B 82 23.53 -6.67 12.91
C HIS B 82 24.54 -7.54 13.62
N VAL B 83 25.39 -8.20 12.84
CA VAL B 83 26.44 -9.02 13.40
C VAL B 83 27.36 -8.16 14.29
N GLN B 84 27.69 -6.94 13.86
CA GLN B 84 28.64 -6.11 14.61
C GLN B 84 28.03 -5.39 15.81
N THR B 85 26.69 -5.33 15.87
CA THR B 85 26.00 -4.60 16.94
C THR B 85 25.31 -5.51 17.96
N GLY B 86 25.03 -6.77 17.61
CA GLY B 86 24.11 -7.58 18.39
C GLY B 86 22.67 -7.11 18.21
N MET B 87 21.72 -7.81 18.84
CA MET B 87 20.31 -7.43 18.78
C MET B 87 19.70 -7.77 20.10
N THR B 88 18.75 -6.97 20.55
CA THR B 88 18.04 -7.31 21.77
C THR B 88 17.05 -8.44 21.53
N ILE B 89 16.65 -9.10 22.62
CA ILE B 89 15.62 -10.12 22.56
C ILE B 89 14.35 -9.59 21.88
N GLY B 90 14.01 -8.33 22.18
CA GLY B 90 12.84 -7.70 21.59
C GLY B 90 13.00 -7.48 20.07
N GLN B 91 14.17 -7.02 19.65
CA GLN B 91 14.48 -6.93 18.22
C GLN B 91 14.44 -8.30 17.54
N LEU B 92 14.84 -9.35 18.26
CA LEU B 92 14.88 -10.70 17.71
C LEU B 92 13.46 -11.26 17.48
N CYS B 93 12.55 -11.01 18.45
CA CYS B 93 11.15 -11.38 18.33
C CYS B 93 10.58 -10.66 17.11
N ASP B 94 10.83 -9.35 17.06
CA ASP B 94 10.39 -8.52 15.96
C ASP B 94 10.85 -9.15 14.62
N ALA B 95 12.13 -9.47 14.51
CA ALA B 95 12.67 -9.98 13.23
C ALA B 95 12.08 -11.36 12.90
N ALA B 96 11.99 -12.23 13.92
CA ALA B 96 11.51 -13.59 13.70
C ALA B 96 10.09 -13.60 13.16
N ILE B 97 9.23 -12.74 13.69
CA ILE B 97 7.87 -12.73 13.19
C ILE B 97 7.77 -11.93 11.88
N ARG B 98 8.36 -10.75 11.81
CA ARG B 98 8.04 -9.83 10.67
C ARG B 98 8.86 -10.10 9.42
N TYR B 99 10.03 -10.68 9.59
CA TYR B 99 10.88 -11.03 8.45
C TYR B 99 11.17 -12.51 8.40
N SER B 100 10.50 -13.28 9.29
CA SER B 100 10.76 -14.71 9.36
C SER B 100 12.27 -15.00 9.47
N ASP B 101 12.98 -14.20 10.24
CA ASP B 101 14.44 -14.26 10.28
C ASP B 101 14.90 -15.56 10.91
N GLY B 102 15.69 -16.35 10.17
CA GLY B 102 16.08 -17.68 10.62
C GLY B 102 17.08 -17.64 11.79
N THR B 103 18.04 -16.73 11.73
CA THR B 103 19.00 -16.59 12.84
C THR B 103 18.33 -16.05 14.14
N ALA B 104 17.40 -15.10 14.01
CA ALA B 104 16.63 -14.59 15.16
C ALA B 104 15.91 -15.75 15.89
N ALA B 105 15.28 -16.64 15.13
CA ALA B 105 14.55 -17.77 15.70
C ALA B 105 15.52 -18.69 16.43
N ASN B 106 16.67 -18.97 15.81
CA ASN B 106 17.70 -19.81 16.45
C ASN B 106 18.10 -19.22 17.81
N LEU B 107 18.33 -17.91 17.82
CA LEU B 107 18.76 -17.25 19.05
C LEU B 107 17.64 -17.24 20.10
N LEU B 108 16.38 -17.16 19.68
CA LEU B 108 15.28 -17.15 20.63
C LEU B 108 15.08 -18.55 21.22
N LEU B 109 15.27 -19.58 20.39
CA LEU B 109 15.24 -20.95 20.84
C LEU B 109 16.35 -21.15 21.89
N ALA B 110 17.57 -20.67 21.62
CA ALA B 110 18.65 -20.77 22.59
C ALA B 110 18.29 -20.06 23.88
N ASP B 111 17.53 -18.96 23.78
CA ASP B 111 17.11 -18.22 24.96
C ASP B 111 16.16 -19.00 25.87
N LEU B 112 15.36 -19.89 25.27
CA LEU B 112 14.48 -20.75 26.06
C LEU B 112 15.30 -21.66 26.99
N GLY B 113 16.46 -22.11 26.53
CA GLY B 113 17.34 -22.94 27.36
C GLY B 113 17.14 -24.42 27.10
N GLY B 114 18.08 -25.24 27.55
CA GLY B 114 17.93 -26.70 27.49
C GLY B 114 18.22 -27.43 26.19
N PRO B 115 17.89 -28.73 26.18
CA PRO B 115 18.25 -29.70 25.15
C PRO B 115 17.73 -29.38 23.74
N GLY B 116 18.49 -29.83 22.74
CA GLY B 116 18.13 -29.60 21.36
C GLY B 116 18.17 -28.11 21.09
N GLY B 117 18.98 -27.41 21.89
CA GLY B 117 19.23 -26.00 21.70
C GLY B 117 17.95 -25.19 21.90
N GLY B 118 17.09 -25.66 22.81
CA GLY B 118 15.85 -24.99 23.12
C GLY B 118 14.63 -25.65 22.50
N THR B 119 14.81 -26.52 21.52
CA THR B 119 13.64 -27.09 20.86
C THR B 119 12.83 -27.94 21.82
N ALA B 120 13.49 -28.54 22.81
CA ALA B 120 12.70 -29.33 23.75
C ALA B 120 11.88 -28.43 24.66
N ALA B 121 12.41 -27.28 25.08
CA ALA B 121 11.61 -26.35 25.89
C ALA B 121 10.43 -25.76 25.09
N PHE B 122 10.62 -25.53 23.80
CA PHE B 122 9.53 -24.97 22.98
C PHE B 122 8.42 -26.00 22.79
N THR B 123 8.80 -27.25 22.61
CA THR B 123 7.83 -28.32 22.45
C THR B 123 7.02 -28.49 23.75
N GLY B 124 7.68 -28.35 24.91
CA GLY B 124 7.00 -28.32 26.20
C GLY B 124 6.07 -27.13 26.35
N TYR B 125 6.45 -25.98 25.80
CA TYR B 125 5.55 -24.85 25.88
C TYR B 125 4.25 -25.14 25.09
N LEU B 126 4.40 -25.81 23.95
CA LEU B 126 3.22 -26.19 23.16
C LEU B 126 2.35 -27.19 23.90
N ARG B 127 2.98 -28.18 24.55
CA ARG B 127 2.22 -29.13 25.38
C ARG B 127 1.44 -28.38 26.46
N SER B 128 2.03 -27.33 27.03
CA SER B 128 1.34 -26.60 28.10
C SER B 128 0.11 -25.85 27.59
N LEU B 129 0.01 -25.68 26.27
CA LEU B 129 -1.18 -25.05 25.68
C LEU B 129 -2.15 -26.11 25.10
N GLY B 130 -1.95 -27.37 25.43
CA GLY B 130 -2.87 -28.42 25.01
C GLY B 130 -2.59 -29.01 23.65
N ASP B 131 -1.43 -28.69 23.08
CA ASP B 131 -1.05 -29.21 21.78
C ASP B 131 -0.13 -30.41 21.95
N THR B 132 -0.70 -31.59 21.70
CA THR B 132 -0.01 -32.85 21.87
C THR B 132 0.43 -33.35 20.50
N VAL B 133 0.15 -32.56 19.47
CA VAL B 133 0.33 -33.04 18.11
C VAL B 133 1.62 -32.54 17.47
N SER B 134 1.92 -31.27 17.65
CA SER B 134 3.03 -30.62 16.99
C SER B 134 4.36 -31.18 17.48
N ARG B 135 5.33 -31.21 16.58
CA ARG B 135 6.67 -31.75 16.81
C ARG B 135 7.73 -30.76 16.28
N LEU B 136 8.57 -30.19 17.15
CA LEU B 136 9.73 -29.43 16.62
C LEU B 136 11.06 -29.97 17.14
N ASP B 137 11.96 -30.33 16.23
CA ASP B 137 13.19 -30.99 16.60
C ASP B 137 14.45 -30.36 16.01
N ALA B 138 14.29 -29.50 15.00
CA ALA B 138 15.44 -28.95 14.31
C ALA B 138 15.45 -27.42 14.21
N GLU B 139 16.64 -26.86 14.11
CA GLU B 139 16.82 -25.42 13.90
C GLU B 139 17.02 -25.15 12.41
N ALA B 140 17.26 -23.90 12.07
CA ALA B 140 17.54 -23.53 10.68
C ALA B 140 19.03 -23.64 10.40
N PRO B 141 19.38 -24.13 9.22
CA PRO B 141 18.39 -24.50 8.21
C PRO B 141 18.23 -26.02 8.07
N GLU B 142 18.58 -26.77 9.10
CA GLU B 142 18.45 -28.21 9.07
C GLU B 142 16.98 -28.61 8.90
N LEU B 143 16.09 -27.78 9.43
CA LEU B 143 14.67 -28.10 9.41
C LEU B 143 14.20 -28.26 7.97
N ASN B 144 14.71 -27.39 7.09
CA ASN B 144 14.30 -27.40 5.69
C ASN B 144 14.62 -28.71 5.00
N ARG B 145 15.47 -29.53 5.62
CA ARG B 145 15.90 -30.79 5.03
C ARG B 145 14.82 -31.87 5.10
N ASP B 146 14.08 -31.90 6.21
CA ASP B 146 13.04 -32.89 6.41
C ASP B 146 12.27 -33.17 5.13
N PRO B 147 12.36 -34.41 4.64
CA PRO B 147 11.67 -34.81 3.42
C PRO B 147 10.23 -35.22 3.71
N PRO B 148 9.40 -35.26 2.67
CA PRO B 148 7.99 -35.65 2.83
C PRO B 148 7.87 -36.98 3.55
N GLY B 149 6.76 -37.19 4.26
CA GLY B 149 6.54 -38.42 4.99
C GLY B 149 7.28 -38.45 6.32
N ASP B 150 8.17 -37.49 6.52
CA ASP B 150 8.91 -37.39 7.76
C ASP B 150 8.17 -36.51 8.76
N GLU B 151 7.68 -37.13 9.83
CA GLU B 151 6.90 -36.39 10.83
C GLU B 151 7.67 -35.36 11.67
N ARG B 152 8.98 -35.27 11.50
CA ARG B 152 9.73 -34.28 12.27
C ARG B 152 9.33 -32.87 11.79
N ASP B 153 9.24 -31.95 12.74
CA ASP B 153 8.88 -30.56 12.41
C ASP B 153 7.55 -30.44 11.67
N THR B 154 6.51 -31.08 12.19
CA THR B 154 5.22 -31.01 11.52
C THR B 154 4.17 -30.59 12.52
N THR B 155 3.06 -30.08 12.01
CA THR B 155 1.91 -29.76 12.85
C THR B 155 0.69 -30.15 12.01
N THR B 156 -0.52 -29.93 12.52
CA THR B 156 -1.73 -30.01 11.65
C THR B 156 -2.38 -28.61 11.62
N PRO B 157 -3.22 -28.35 10.61
CA PRO B 157 -3.86 -27.04 10.65
C PRO B 157 -4.74 -26.89 11.89
N HIS B 158 -5.33 -27.98 12.35
CA HIS B 158 -6.17 -27.94 13.55
C HIS B 158 -5.35 -27.55 14.78
N ALA B 159 -4.23 -28.22 14.96
CA ALA B 159 -3.39 -28.00 16.13
C ALA B 159 -2.88 -26.56 16.21
N ILE B 160 -2.29 -26.09 15.12
CA ILE B 160 -1.65 -24.78 15.13
C ILE B 160 -2.70 -23.70 15.25
N ALA B 161 -3.87 -23.91 14.65
CA ALA B 161 -4.94 -22.91 14.76
C ALA B 161 -5.45 -22.70 16.20
N LEU B 162 -5.60 -23.80 16.94
CA LEU B 162 -6.00 -23.72 18.34
C LEU B 162 -4.87 -23.12 19.20
N VAL B 163 -3.60 -23.32 18.86
CA VAL B 163 -2.51 -22.60 19.55
C VAL B 163 -2.59 -21.09 19.31
N LEU B 164 -2.76 -20.69 18.04
CA LEU B 164 -2.82 -19.27 17.70
C LEU B 164 -4.00 -18.61 18.41
N GLN B 165 -5.11 -19.36 18.46
CA GLN B 165 -6.31 -18.80 19.08
C GLN B 165 -6.05 -18.43 20.53
N GLN B 166 -5.43 -19.31 21.31
CA GLN B 166 -5.16 -19.03 22.72
C GLN B 166 -4.23 -17.85 22.89
N LEU B 167 -3.22 -17.81 22.02
CA LEU B 167 -2.19 -16.77 22.05
C LEU B 167 -2.72 -15.36 21.81
N VAL B 168 -3.56 -15.22 20.80
CA VAL B 168 -3.99 -13.89 20.38
C VAL B 168 -5.41 -13.50 20.89
N LEU B 169 -6.34 -14.46 20.92
CA LEU B 169 -7.73 -14.18 21.33
C LEU B 169 -8.05 -14.64 22.76
N GLY B 170 -7.30 -15.61 23.25
CA GLY B 170 -7.53 -16.16 24.58
C GLY B 170 -6.59 -15.53 25.60
N ASN B 171 -6.29 -16.26 26.67
CA ASN B 171 -5.54 -15.66 27.77
C ASN B 171 -4.23 -16.36 28.06
N ALA B 172 -3.62 -16.97 27.04
CA ALA B 172 -2.32 -17.61 27.21
C ALA B 172 -1.27 -16.58 27.63
N LEU B 173 -1.46 -15.32 27.24
CA LEU B 173 -0.54 -14.26 27.59
C LEU B 173 -1.31 -13.18 28.31
N PRO B 174 -0.65 -12.47 29.24
CA PRO B 174 -1.30 -11.31 29.87
C PRO B 174 -1.40 -10.21 28.85
N PRO B 175 -2.27 -9.20 29.09
CA PRO B 175 -2.51 -8.19 28.05
C PRO B 175 -1.28 -7.50 27.50
N ASP B 176 -0.29 -7.10 28.31
CA ASP B 176 0.82 -6.35 27.79
C ASP B 176 1.66 -7.23 26.81
N LYS B 177 1.85 -8.50 27.14
CA LYS B 177 2.63 -9.39 26.26
C LYS B 177 1.83 -9.79 25.01
N ARG B 178 0.54 -10.03 25.19
CA ARG B 178 -0.36 -10.40 24.11
C ARG B 178 -0.38 -9.32 23.03
N ALA B 179 -0.34 -8.06 23.45
CA ALA B 179 -0.31 -6.94 22.52
C ALA B 179 1.02 -6.85 21.72
N LEU B 180 2.14 -7.26 22.30
CA LEU B 180 3.39 -7.26 21.56
C LEU B 180 3.33 -8.30 20.44
N LEU B 181 2.90 -9.50 20.78
CA LEU B 181 2.79 -10.59 19.82
C LEU B 181 1.89 -10.13 18.68
N THR B 182 0.73 -9.60 19.05
CA THR B 182 -0.29 -9.23 18.10
C THR B 182 0.19 -8.16 17.13
N ASP B 183 0.87 -7.14 17.68
CA ASP B 183 1.38 -6.04 16.90
C ASP B 183 2.47 -6.48 15.91
N TRP B 184 3.35 -7.39 16.35
CA TRP B 184 4.35 -7.93 15.43
C TRP B 184 3.69 -8.69 14.27
N MET B 185 2.66 -9.46 14.56
CA MET B 185 1.98 -10.19 13.48
C MET B 185 1.20 -9.23 12.59
N ALA B 186 0.68 -8.13 13.16
CA ALA B 186 -0.08 -7.15 12.38
C ALA B 186 0.83 -6.46 11.37
N ARG B 187 2.10 -6.39 11.69
CA ARG B 187 3.04 -5.69 10.81
C ARG B 187 3.99 -6.63 10.08
N ASN B 188 3.61 -7.89 9.97
CA ASN B 188 4.47 -8.85 9.26
C ASN B 188 4.62 -8.43 7.81
N THR B 189 5.83 -8.55 7.26
CA THR B 189 6.08 -8.07 5.91
C THR B 189 6.09 -9.21 4.84
N THR B 190 5.90 -10.46 5.25
CA THR B 190 6.12 -11.57 4.30
C THR B 190 4.81 -12.15 3.80
N GLY B 191 3.69 -11.61 4.25
CA GLY B 191 2.42 -12.27 4.04
C GLY B 191 1.44 -11.69 3.02
N ALA B 192 1.84 -10.68 2.25
CA ALA B 192 0.88 -9.90 1.43
C ALA B 192 0.18 -10.74 0.35
N LYS B 193 0.79 -11.83 -0.07
CA LYS B 193 0.21 -12.60 -1.16
C LYS B 193 -0.53 -13.85 -0.72
N ARG B 194 -0.71 -14.01 0.58
CA ARG B 194 -1.32 -15.23 1.07
C ARG B 194 -2.70 -14.90 1.67
N ILE B 195 -2.92 -15.22 2.95
CA ILE B 195 -4.23 -14.97 3.55
C ILE B 195 -4.70 -13.52 3.35
N ARG B 196 -3.83 -12.55 3.63
CA ARG B 196 -4.14 -11.13 3.43
C ARG B 196 -4.66 -10.85 2.00
N ALA B 197 -4.12 -11.56 0.99
CA ALA B 197 -4.56 -11.28 -0.40
C ALA B 197 -5.94 -11.85 -0.69
N GLY B 198 -6.37 -12.82 0.10
CA GLY B 198 -7.68 -13.38 -0.15
C GLY B 198 -8.83 -12.78 0.65
N PHE B 199 -8.54 -11.97 1.66
CA PHE B 199 -9.61 -11.30 2.41
C PHE B 199 -9.81 -9.89 1.91
N PRO B 200 -11.07 -9.38 1.91
CA PRO B 200 -11.25 -7.99 1.46
C PRO B 200 -10.43 -7.07 2.37
N ALA B 201 -9.99 -5.94 1.83
CA ALA B 201 -9.16 -4.94 2.53
C ALA B 201 -9.72 -4.47 3.87
N ASP B 202 -11.04 -4.38 4.02
CA ASP B 202 -11.57 -3.90 5.30
C ASP B 202 -11.72 -4.97 6.38
N TRP B 203 -11.21 -6.18 6.15
CA TRP B 203 -11.02 -7.15 7.23
C TRP B 203 -9.60 -6.93 7.73
N LYS B 204 -9.39 -6.84 9.05
CA LYS B 204 -8.02 -6.82 9.57
C LYS B 204 -7.44 -8.22 9.52
N VAL B 205 -6.18 -8.33 9.11
CA VAL B 205 -5.48 -9.61 9.11
C VAL B 205 -4.13 -9.42 9.80
N ILE B 206 -3.79 -10.31 10.73
CA ILE B 206 -2.39 -10.43 11.17
C ILE B 206 -1.94 -11.86 10.87
N ASP B 207 -0.66 -12.08 10.58
CA ASP B 207 -0.29 -13.44 10.16
C ASP B 207 1.18 -13.74 10.37
N LYS B 208 1.53 -15.01 10.19
CA LYS B 208 2.89 -15.48 10.17
C LYS B 208 2.96 -16.54 9.09
N THR B 209 3.89 -16.39 8.15
CA THR B 209 3.97 -17.33 7.06
C THR B 209 4.99 -18.42 7.32
N GLY B 210 4.99 -19.40 6.43
CA GLY B 210 6.07 -20.36 6.33
C GLY B 210 6.24 -20.83 4.89
N THR B 211 7.48 -21.06 4.48
CA THR B 211 7.81 -21.51 3.15
C THR B 211 8.96 -22.52 3.21
N GLY B 212 8.87 -23.60 2.44
CA GLY B 212 9.96 -24.56 2.47
C GLY B 212 10.17 -25.17 1.09
N ASP B 213 11.00 -26.21 1.04
CA ASP B 213 11.16 -26.96 -0.19
C ASP B 213 9.91 -27.82 -0.45
N TYR B 214 9.92 -28.60 -1.53
CA TYR B 214 8.75 -29.44 -1.90
C TYR B 214 7.48 -28.62 -1.99
N GLY B 215 7.63 -27.36 -2.39
CA GLY B 215 6.52 -26.46 -2.63
C GLY B 215 5.76 -26.13 -1.37
N ARG B 216 6.39 -26.23 -0.21
CA ARG B 216 5.68 -25.97 1.04
C ARG B 216 5.41 -24.48 1.19
N ALA B 217 4.19 -24.16 1.62
CA ALA B 217 3.77 -22.78 1.82
C ALA B 217 2.56 -22.75 2.77
N ASN B 218 2.73 -22.07 3.91
CA ASN B 218 1.74 -22.03 4.97
C ASN B 218 1.44 -20.58 5.32
N ASP B 219 0.29 -20.33 5.95
CA ASP B 219 0.00 -19.03 6.53
C ASP B 219 -0.98 -19.26 7.67
N ILE B 220 -0.66 -18.73 8.85
CA ILE B 220 -1.61 -18.76 9.97
C ILE B 220 -1.95 -17.33 10.34
N ALA B 221 -3.23 -17.07 10.58
CA ALA B 221 -3.65 -15.67 10.72
C ALA B 221 -4.78 -15.55 11.74
N VAL B 222 -4.96 -14.35 12.28
CA VAL B 222 -6.20 -14.01 12.94
C VAL B 222 -6.76 -12.87 12.10
N VAL B 223 -8.05 -12.92 11.81
CA VAL B 223 -8.67 -11.93 10.93
C VAL B 223 -9.86 -11.38 11.71
N TRP B 224 -10.21 -10.13 11.45
CA TRP B 224 -11.36 -9.51 12.08
C TRP B 224 -12.26 -8.99 10.97
N SER B 225 -13.55 -9.27 11.05
CA SER B 225 -14.49 -8.75 10.06
C SER B 225 -14.61 -7.24 10.23
N PRO B 226 -15.27 -6.58 9.27
CA PRO B 226 -15.39 -5.12 9.25
C PRO B 226 -16.08 -4.59 10.50
N THR B 227 -16.85 -5.45 11.16
CA THR B 227 -17.41 -5.07 12.46
C THR B 227 -16.70 -5.70 13.68
N GLY B 228 -15.47 -6.20 13.51
CA GLY B 228 -14.71 -6.64 14.68
C GLY B 228 -14.89 -8.08 15.14
N VAL B 229 -15.56 -8.91 14.34
CA VAL B 229 -15.71 -10.31 14.69
C VAL B 229 -14.45 -11.07 14.27
N PRO B 230 -13.78 -11.72 15.23
CA PRO B 230 -12.48 -12.38 14.97
C PRO B 230 -12.61 -13.87 14.58
N TYR B 231 -11.71 -14.35 13.72
CA TYR B 231 -11.62 -15.76 13.38
C TYR B 231 -10.17 -16.09 13.22
N VAL B 232 -9.83 -17.35 13.50
CA VAL B 232 -8.48 -17.81 13.29
C VAL B 232 -8.48 -18.64 11.99
N VAL B 233 -7.48 -18.43 11.13
CA VAL B 233 -7.40 -19.13 9.85
C VAL B 233 -6.01 -19.71 9.67
N ALA B 234 -5.93 -21.04 9.59
CA ALA B 234 -4.68 -21.75 9.36
C ALA B 234 -4.77 -22.36 7.98
N VAL B 235 -3.81 -22.03 7.11
CA VAL B 235 -3.79 -22.63 5.80
C VAL B 235 -2.41 -23.22 5.51
N MET B 236 -2.38 -24.49 5.12
CA MET B 236 -1.10 -25.14 4.92
C MET B 236 -1.14 -25.83 3.60
N SER B 237 0.03 -25.99 3.00
CA SER B 237 0.06 -26.67 1.72
C SER B 237 1.44 -27.18 1.35
N ASP B 238 1.48 -28.17 0.47
CA ASP B 238 2.75 -28.53 -0.15
C ASP B 238 2.52 -29.06 -1.57
N ARG B 239 3.60 -29.23 -2.34
CA ARG B 239 3.52 -29.85 -3.67
C ARG B 239 4.57 -30.94 -3.68
N ALA B 240 4.55 -31.80 -2.67
CA ALA B 240 5.69 -32.66 -2.46
C ALA B 240 5.95 -33.66 -3.62
N GLY B 241 4.93 -33.97 -4.43
CA GLY B 241 5.15 -34.94 -5.50
C GLY B 241 5.98 -34.37 -6.62
N GLY B 242 6.06 -33.04 -6.68
CA GLY B 242 6.89 -32.36 -7.67
C GLY B 242 8.39 -32.30 -7.32
N GLY B 243 8.77 -32.88 -6.18
CA GLY B 243 10.17 -32.93 -5.81
C GLY B 243 10.70 -31.75 -4.99
N TYR B 244 11.88 -31.95 -4.42
CA TYR B 244 12.58 -30.95 -3.64
C TYR B 244 12.47 -29.50 -4.17
N ASP B 245 12.62 -29.30 -5.47
CA ASP B 245 12.53 -27.94 -6.05
C ASP B 245 11.14 -27.47 -6.48
N ALA B 246 10.06 -28.17 -6.13
CA ALA B 246 8.74 -27.64 -6.48
C ALA B 246 8.61 -26.21 -5.91
N GLU B 247 8.18 -25.26 -6.73
CA GLU B 247 7.87 -23.91 -6.26
C GLU B 247 6.56 -23.93 -5.48
N PRO B 248 6.49 -23.17 -4.40
CA PRO B 248 5.24 -22.98 -3.63
C PRO B 248 4.28 -22.17 -4.52
N ARG B 249 2.98 -22.28 -4.30
CA ARG B 249 2.03 -21.49 -5.09
C ARG B 249 1.26 -20.58 -4.15
N GLU B 250 1.71 -19.35 -4.00
CA GLU B 250 1.04 -18.45 -3.06
C GLU B 250 -0.42 -18.21 -3.43
N ALA B 251 -0.72 -18.14 -4.72
CA ALA B 251 -2.12 -17.93 -5.12
C ALA B 251 -3.04 -18.99 -4.56
N LEU B 252 -2.50 -20.18 -4.31
CA LEU B 252 -3.29 -21.26 -3.73
C LEU B 252 -3.82 -20.89 -2.34
N LEU B 253 -2.98 -20.24 -1.54
CA LEU B 253 -3.35 -19.78 -0.21
C LEU B 253 -4.33 -18.61 -0.29
N ALA B 254 -4.07 -17.66 -1.19
CA ALA B 254 -4.98 -16.52 -1.37
C ALA B 254 -6.38 -17.01 -1.76
N GLU B 255 -6.43 -17.90 -2.76
CA GLU B 255 -7.75 -18.35 -3.24
C GLU B 255 -8.47 -19.13 -2.15
N ALA B 256 -7.75 -19.98 -1.44
CA ALA B 256 -8.38 -20.71 -0.36
C ALA B 256 -8.94 -19.70 0.68
N ALA B 257 -8.20 -18.64 0.97
CA ALA B 257 -8.67 -17.64 1.93
C ALA B 257 -9.90 -16.89 1.37
N THR B 258 -9.92 -16.58 0.08
CA THR B 258 -11.16 -16.01 -0.48
C THR B 258 -12.37 -16.95 -0.31
N CYS B 259 -12.21 -18.26 -0.57
CA CYS B 259 -13.29 -19.22 -0.26
C CYS B 259 -13.70 -19.15 1.20
N VAL B 260 -12.72 -19.04 2.10
CA VAL B 260 -13.06 -18.97 3.51
C VAL B 260 -13.79 -17.66 3.82
N ALA B 261 -13.33 -16.55 3.24
CA ALA B 261 -14.02 -15.28 3.55
C ALA B 261 -15.51 -15.36 3.14
N GLY B 262 -15.77 -16.10 2.05
CA GLY B 262 -17.12 -16.12 1.49
C GLY B 262 -18.04 -16.81 2.47
N VAL B 263 -17.50 -17.79 3.15
CA VAL B 263 -18.26 -18.53 4.13
C VAL B 263 -18.43 -17.73 5.42
N LEU B 264 -17.48 -16.85 5.75
CA LEU B 264 -17.58 -16.05 6.97
C LEU B 264 -18.34 -14.72 6.79
N ALA B 265 -18.76 -14.40 5.56
CA ALA B 265 -19.24 -13.06 5.21
C ALA B 265 -20.56 -12.60 5.87
N ASP C 1 20.24 28.08 -2.37
CA ASP C 1 20.22 27.01 -3.37
C ASP C 1 18.91 26.21 -3.29
N LEU C 2 18.31 26.15 -2.11
CA LEU C 2 16.97 25.59 -2.02
C LEU C 2 15.98 26.45 -2.82
N ALA C 3 16.10 27.78 -2.71
CA ALA C 3 15.26 28.68 -3.50
C ALA C 3 15.47 28.48 -5.00
N ASP C 4 16.71 28.24 -5.42
CA ASP C 4 17.03 27.96 -6.81
C ASP C 4 16.28 26.71 -7.23
N ARG C 5 16.29 25.67 -6.39
CA ARG C 5 15.63 24.42 -6.77
C ARG C 5 14.10 24.58 -6.87
N PHE C 6 13.52 25.39 -5.99
CA PHE C 6 12.09 25.64 -6.04
C PHE C 6 11.74 26.43 -7.34
N ALA C 7 12.58 27.40 -7.71
CA ALA C 7 12.35 28.16 -8.95
C ALA C 7 12.39 27.22 -10.15
N GLU C 8 13.36 26.30 -10.13
CA GLU C 8 13.38 25.28 -11.17
C GLU C 8 12.12 24.40 -11.26
N LEU C 9 11.54 24.05 -10.12
CA LEU C 9 10.29 23.28 -10.18
C LEU C 9 9.20 24.15 -10.79
N GLU C 10 9.15 25.42 -10.40
CA GLU C 10 8.17 26.37 -10.92
C GLU C 10 8.23 26.48 -12.45
N ARG C 11 9.44 26.52 -12.98
CA ARG C 11 9.61 26.55 -14.40
C ARG C 11 9.14 25.22 -15.05
N ARG C 12 9.63 24.10 -14.52
CA ARG C 12 9.27 22.79 -15.03
C ARG C 12 7.76 22.54 -15.08
N TYR C 13 7.03 23.00 -14.06
CA TYR C 13 5.61 22.69 -13.98
C TYR C 13 4.68 23.82 -14.39
N ASP C 14 5.22 24.95 -14.88
CA ASP C 14 4.42 26.15 -15.17
C ASP C 14 3.53 26.49 -13.99
N ALA C 15 4.12 26.65 -12.81
CA ALA C 15 3.30 26.84 -11.62
C ALA C 15 3.95 27.86 -10.72
N ARG C 16 3.19 28.45 -9.81
CA ARG C 16 3.72 29.24 -8.72
C ARG C 16 3.61 28.31 -7.51
N LEU C 17 4.69 28.22 -6.74
CA LEU C 17 4.82 27.29 -5.63
C LEU C 17 5.13 28.07 -4.39
N GLY C 18 4.48 27.70 -3.29
CA GLY C 18 4.78 28.26 -1.98
C GLY C 18 5.01 27.18 -0.93
N VAL C 19 6.00 27.40 -0.07
CA VAL C 19 6.46 26.40 0.88
C VAL C 19 6.74 27.08 2.20
N TYR C 20 6.31 26.48 3.31
CA TYR C 20 6.81 26.93 4.61
C TYR C 20 6.98 25.75 5.56
N VAL C 21 8.12 25.69 6.24
CA VAL C 21 8.39 24.72 7.29
C VAL C 21 8.89 25.56 8.50
N PRO C 22 8.12 25.58 9.60
CA PRO C 22 8.51 26.44 10.72
C PRO C 22 9.86 26.01 11.28
N ALA C 23 10.58 26.97 11.83
CA ALA C 23 11.86 26.73 12.50
C ALA C 23 11.64 25.79 13.67
N THR C 24 12.64 24.98 13.97
CA THR C 24 12.60 24.20 15.21
C THR C 24 13.82 24.55 16.06
N GLY C 25 13.96 23.90 17.22
CA GLY C 25 15.16 24.10 18.02
C GLY C 25 16.45 23.86 17.24
N THR C 26 16.43 22.94 16.29
CA THR C 26 17.66 22.65 15.54
C THR C 26 17.71 23.00 14.04
N THR C 27 16.65 23.61 13.50
CA THR C 27 16.60 23.95 12.05
C THR C 27 15.99 25.33 11.83
N ALA C 28 16.54 26.05 10.84
CA ALA C 28 15.95 27.29 10.32
C ALA C 28 14.60 26.99 9.66
N ALA C 29 13.75 28.01 9.56
CA ALA C 29 12.51 27.89 8.81
C ALA C 29 12.87 27.78 7.35
N ILE C 30 12.07 27.03 6.61
CA ILE C 30 12.18 26.99 5.16
C ILE C 30 11.02 27.82 4.64
N GLU C 31 11.29 28.74 3.73
CA GLU C 31 10.25 29.60 3.22
C GLU C 31 10.53 29.92 1.76
N TYR C 32 9.50 29.80 0.94
CA TYR C 32 9.58 30.17 -0.46
C TYR C 32 8.18 30.68 -0.76
N ARG C 33 8.07 31.98 -1.09
CA ARG C 33 6.77 32.65 -1.29
C ARG C 33 5.90 32.41 -0.06
N ALA C 34 6.54 32.33 1.09
CA ALA C 34 5.80 31.92 2.26
C ALA C 34 4.76 32.95 2.71
N ASP C 35 4.93 34.21 2.33
CA ASP C 35 3.94 35.22 2.68
C ASP C 35 3.07 35.69 1.50
N GLU C 36 3.17 35.02 0.37
CA GLU C 36 2.24 35.31 -0.75
C GLU C 36 0.91 34.58 -0.53
N ARG C 37 -0.18 35.15 -1.04
CA ARG C 37 -1.48 34.50 -0.91
C ARG C 37 -1.67 33.38 -1.93
N PHE C 38 -2.30 32.31 -1.47
CA PHE C 38 -2.67 31.19 -2.31
C PHE C 38 -4.10 30.85 -1.96
N ALA C 39 -4.82 30.27 -2.90
CA ALA C 39 -6.19 29.84 -2.64
C ALA C 39 -6.20 28.79 -1.53
N PHE C 40 -7.12 28.97 -0.58
CA PHE C 40 -7.29 28.02 0.51
C PHE C 40 -7.60 26.63 -0.05
N CYS C 41 -8.61 26.56 -0.91
CA CYS C 41 -9.13 25.30 -1.38
C CYS C 41 -9.58 24.49 -0.16
N SER C 42 -9.49 23.24 0.03
CA SER C 42 -10.14 22.35 1.00
C SER C 42 -9.28 22.21 2.26
N THR C 43 -7.95 22.91 2.16
CA THR C 43 -7.07 22.88 3.31
C THR C 43 -7.69 23.46 4.60
N PHE C 44 -8.67 24.33 4.45
CA PHE C 44 -9.30 24.97 5.59
C PHE C 44 -10.08 23.98 6.47
N LYS C 45 -10.40 22.82 5.91
CA LYS C 45 -11.20 21.82 6.61
C LYS C 45 -10.53 21.29 7.88
N ALA C 46 -9.21 21.25 7.89
CA ALA C 46 -8.47 20.79 9.06
C ALA C 46 -8.72 21.70 10.26
N PRO C 47 -8.48 23.00 10.08
CA PRO C 47 -8.73 23.98 11.13
C PRO C 47 -10.22 24.05 11.46
N LEU C 48 -11.07 24.00 10.44
CA LEU C 48 -12.53 23.91 10.64
C LEU C 48 -12.92 22.80 11.63
N VAL C 49 -12.42 21.59 11.41
CA VAL C 49 -12.67 20.52 12.36
C VAL C 49 -12.12 20.89 13.77
N ALA C 50 -10.92 21.48 13.84
CA ALA C 50 -10.42 21.90 15.15
C ALA C 50 -11.39 22.91 15.82
N ALA C 51 -11.92 23.88 15.06
CA ALA C 51 -12.88 24.87 15.59
C ALA C 51 -14.14 24.22 16.15
N VAL C 52 -14.69 23.24 15.44
CA VAL C 52 -15.83 22.48 15.94
C VAL C 52 -15.48 21.67 17.21
N LEU C 53 -14.29 21.07 17.25
CA LEU C 53 -13.87 20.32 18.43
C LEU C 53 -13.74 21.25 19.62
N HIS C 54 -13.17 22.42 19.37
CA HIS C 54 -12.80 23.38 20.39
C HIS C 54 -14.03 24.00 21.09
N GLN C 55 -15.09 24.22 20.33
CA GLN C 55 -16.23 25.00 20.83
C GLN C 55 -17.31 24.16 21.48
N ASN C 56 -17.11 22.86 21.51
CA ASN C 56 -18.12 21.97 22.00
C ASN C 56 -17.49 20.91 22.88
N PRO C 57 -18.29 20.33 23.77
CA PRO C 57 -17.73 19.22 24.53
C PRO C 57 -17.69 18.01 23.64
N LEU C 58 -16.95 16.99 24.06
CA LEU C 58 -16.80 15.78 23.27
C LEU C 58 -18.12 15.07 22.90
N THR C 59 -19.18 15.24 23.71
CA THR C 59 -20.46 14.55 23.42
C THR C 59 -21.13 15.15 22.22
N HIS C 60 -20.79 16.40 21.93
CA HIS C 60 -21.33 17.02 20.73
C HIS C 60 -21.07 16.15 19.48
N LEU C 61 -19.99 15.37 19.49
CA LEU C 61 -19.66 14.58 18.31
C LEU C 61 -20.73 13.57 17.93
N ASP C 62 -21.61 13.22 18.87
CA ASP C 62 -22.61 12.20 18.61
C ASP C 62 -23.95 12.79 18.18
N LYS C 63 -24.00 14.11 18.09
CA LYS C 63 -25.19 14.74 17.58
C LYS C 63 -25.42 14.40 16.10
N LEU C 64 -26.64 13.95 15.76
CA LEU C 64 -26.97 13.54 14.39
C LEU C 64 -27.42 14.75 13.57
N ILE C 65 -26.97 14.84 12.31
CA ILE C 65 -27.36 15.94 11.43
C ILE C 65 -28.08 15.35 10.22
N THR C 66 -29.24 15.91 9.88
CA THR C 66 -30.05 15.43 8.76
C THR C 66 -29.95 16.46 7.67
N TYR C 67 -30.04 16.04 6.42
CA TYR C 67 -29.84 16.98 5.32
C TYR C 67 -30.49 16.35 4.12
N THR C 68 -30.55 17.03 2.98
CA THR C 68 -31.29 16.48 1.86
C THR C 68 -30.49 16.36 0.58
N SER C 69 -31.05 15.59 -0.36
CA SER C 69 -30.51 15.45 -1.69
C SER C 69 -30.07 16.78 -2.28
N ASP C 70 -30.86 17.83 -2.03
CA ASP C 70 -30.56 19.16 -2.57
C ASP C 70 -29.39 19.83 -1.84
N ASP C 71 -28.94 19.25 -0.75
CA ASP C 71 -27.74 19.81 -0.10
C ASP C 71 -26.45 19.34 -0.75
N ILE C 72 -26.52 18.25 -1.51
CA ILE C 72 -25.34 17.78 -2.21
C ILE C 72 -25.06 18.64 -3.45
N ARG C 73 -24.23 19.67 -3.28
CA ARG C 73 -23.91 20.59 -4.36
C ARG C 73 -22.42 20.71 -4.66
N SER C 74 -21.62 19.82 -4.06
CA SER C 74 -20.21 19.76 -4.34
C SER C 74 -19.82 18.31 -4.14
N ILE C 75 -18.60 17.94 -4.55
CA ILE C 75 -18.16 16.59 -4.35
C ILE C 75 -18.19 16.18 -2.87
N SER C 76 -18.89 15.08 -2.57
CA SER C 76 -19.16 14.70 -1.17
C SER C 76 -19.23 13.19 -1.05
N PRO C 77 -18.09 12.50 -1.22
CA PRO C 77 -18.01 11.04 -1.33
C PRO C 77 -18.74 10.34 -0.20
N VAL C 78 -18.70 10.90 1.00
CA VAL C 78 -19.34 10.26 2.14
C VAL C 78 -20.76 10.72 2.35
N ALA C 79 -20.99 12.04 2.40
CA ALA C 79 -22.33 12.56 2.69
C ALA C 79 -23.38 12.18 1.65
N GLN C 80 -22.97 12.06 0.39
CA GLN C 80 -23.91 11.71 -0.66
C GLN C 80 -24.48 10.29 -0.56
N GLN C 81 -23.81 9.42 0.21
CA GLN C 81 -24.25 8.05 0.44
C GLN C 81 -25.06 7.97 1.73
N HIS C 82 -25.21 9.09 2.42
CA HIS C 82 -25.89 9.11 3.72
C HIS C 82 -27.05 10.09 3.83
N VAL C 83 -27.58 10.55 2.69
CA VAL C 83 -28.80 11.35 2.65
C VAL C 83 -29.94 10.71 3.45
N GLN C 84 -30.16 9.41 3.28
CA GLN C 84 -31.31 8.77 3.96
C GLN C 84 -31.09 8.50 5.43
N THR C 85 -29.84 8.55 5.89
CA THR C 85 -29.52 8.18 7.28
C THR C 85 -29.10 9.35 8.20
N GLY C 86 -28.70 10.47 7.62
CA GLY C 86 -28.07 11.55 8.39
C GLY C 86 -26.63 11.17 8.77
N MET C 87 -25.91 12.06 9.44
CA MET C 87 -24.54 11.76 9.86
C MET C 87 -24.29 12.50 11.16
N THR C 88 -23.52 11.92 12.07
CA THR C 88 -23.16 12.66 13.27
C THR C 88 -22.10 13.70 12.96
N ILE C 89 -21.98 14.68 13.84
CA ILE C 89 -20.91 15.65 13.76
C ILE C 89 -19.54 14.94 13.68
N GLY C 90 -19.35 13.91 14.49
CA GLY C 90 -18.13 13.13 14.46
C GLY C 90 -17.87 12.53 13.08
N GLN C 91 -18.91 11.99 12.44
CA GLN C 91 -18.76 11.36 11.15
C GLN C 91 -18.48 12.43 10.07
N LEU C 92 -19.04 13.62 10.27
CA LEU C 92 -18.83 14.72 9.35
C LEU C 92 -17.38 15.25 9.42
N CYS C 93 -16.84 15.39 10.63
CA CYS C 93 -15.43 15.73 10.80
C CYS C 93 -14.55 14.72 10.08
N ASP C 94 -14.85 13.46 10.32
CA ASP C 94 -14.13 12.36 9.72
C ASP C 94 -14.14 12.54 8.18
N ALA C 95 -15.31 12.79 7.61
CA ALA C 95 -15.45 12.90 6.16
C ALA C 95 -14.82 14.19 5.62
N ALA C 96 -14.94 15.27 6.38
CA ALA C 96 -14.42 16.57 5.89
C ALA C 96 -12.92 16.47 5.75
N ILE C 97 -12.30 15.75 6.68
CA ILE C 97 -10.87 15.57 6.62
C ILE C 97 -10.37 14.44 5.70
N ARG C 98 -10.94 13.25 5.85
CA ARG C 98 -10.38 12.08 5.17
C ARG C 98 -10.77 11.97 3.70
N TYR C 99 -11.93 12.50 3.34
CA TYR C 99 -12.40 12.48 1.93
C TYR C 99 -12.61 13.87 1.38
N SER C 100 -12.22 14.90 2.14
CA SER C 100 -12.41 16.28 1.71
C SER C 100 -13.86 16.52 1.23
N ASP C 101 -14.81 15.95 1.97
CA ASP C 101 -16.23 16.00 1.62
C ASP C 101 -16.74 17.43 1.72
N GLY C 102 -17.22 17.99 0.61
CA GLY C 102 -17.67 19.38 0.60
C GLY C 102 -18.95 19.65 1.40
N THR C 103 -19.94 18.78 1.24
CA THR C 103 -21.14 18.86 2.05
C THR C 103 -20.84 18.71 3.54
N ALA C 104 -19.98 17.76 3.91
CA ALA C 104 -19.61 17.65 5.34
C ALA C 104 -19.04 18.97 5.88
N ALA C 105 -18.22 19.65 5.06
CA ALA C 105 -17.61 20.92 5.49
C ALA C 105 -18.65 22.01 5.64
N ASN C 106 -19.57 22.09 4.67
CA ASN C 106 -20.69 23.00 4.75
C ASN C 106 -21.48 22.84 6.04
N LEU C 107 -21.84 21.60 6.38
CA LEU C 107 -22.60 21.30 7.61
C LEU C 107 -21.80 21.68 8.85
N LEU C 108 -20.48 21.52 8.81
CA LEU C 108 -19.66 21.82 9.98
C LEU C 108 -19.56 23.33 10.16
N LEU C 109 -19.42 24.05 9.05
CA LEU C 109 -19.45 25.49 9.03
C LEU C 109 -20.77 26.04 9.62
N ALA C 110 -21.90 25.51 9.15
CA ALA C 110 -23.19 25.91 9.72
C ALA C 110 -23.25 25.59 11.22
N ASP C 111 -22.64 24.48 11.63
CA ASP C 111 -22.63 24.14 13.04
C ASP C 111 -21.94 25.22 13.86
N LEU C 112 -20.95 25.89 13.29
CA LEU C 112 -20.28 26.99 14.00
C LEU C 112 -21.22 28.17 14.21
N GLY C 113 -22.21 28.29 13.34
CA GLY C 113 -23.19 29.36 13.45
C GLY C 113 -22.71 30.73 12.97
N GLY C 114 -23.59 31.72 13.04
CA GLY C 114 -23.24 33.10 12.68
C GLY C 114 -23.34 33.45 11.19
N PRO C 115 -22.90 34.66 10.86
CA PRO C 115 -23.00 35.16 9.48
C PRO C 115 -22.11 34.44 8.45
N GLY C 116 -22.59 34.34 7.22
CA GLY C 116 -21.82 33.75 6.15
C GLY C 116 -21.86 32.23 6.17
N GLY C 117 -22.90 31.67 6.79
CA GLY C 117 -23.04 30.24 6.84
C GLY C 117 -21.99 29.65 7.75
N GLY C 118 -21.35 30.52 8.53
CA GLY C 118 -20.39 30.08 9.54
C GLY C 118 -18.99 30.46 9.15
N THR C 119 -18.82 30.97 7.92
CA THR C 119 -17.48 31.38 7.50
C THR C 119 -16.88 32.49 8.37
N ALA C 120 -17.71 33.37 8.93
CA ALA C 120 -17.15 34.45 9.73
C ALA C 120 -16.70 33.93 11.09
N ALA C 121 -17.44 32.98 11.65
CA ALA C 121 -17.01 32.34 12.88
C ALA C 121 -15.69 31.57 12.63
N PHE C 122 -15.64 30.85 11.51
CA PHE C 122 -14.39 30.15 11.18
C PHE C 122 -13.19 31.10 11.14
N THR C 123 -13.32 32.20 10.41
CA THR C 123 -12.22 33.15 10.25
C THR C 123 -11.87 33.77 11.61
N GLY C 124 -12.88 33.91 12.46
CA GLY C 124 -12.69 34.40 13.81
C GLY C 124 -11.87 33.43 14.64
N TYR C 125 -12.09 32.13 14.44
CA TYR C 125 -11.25 31.12 15.11
C TYR C 125 -9.77 31.23 14.70
N LEU C 126 -9.49 31.36 13.39
CA LEU C 126 -8.09 31.55 12.95
C LEU C 126 -7.46 32.83 13.56
N ARG C 127 -8.22 33.93 13.59
CA ARG C 127 -7.71 35.15 14.21
C ARG C 127 -7.32 34.87 15.68
N SER C 128 -8.11 34.05 16.38
CA SER C 128 -7.85 33.84 17.80
C SER C 128 -6.57 33.02 17.98
N LEU C 129 -6.28 32.17 16.99
CA LEU C 129 -5.02 31.42 16.97
C LEU C 129 -3.84 32.29 16.53
N GLY C 130 -4.10 33.55 16.18
CA GLY C 130 -2.97 34.43 15.83
C GLY C 130 -2.73 34.57 14.33
N ASP C 131 -3.65 34.05 13.54
CA ASP C 131 -3.56 34.14 12.08
C ASP C 131 -4.11 35.50 11.66
N THR C 132 -3.25 36.39 11.18
CA THR C 132 -3.68 37.73 10.84
C THR C 132 -4.07 37.89 9.39
N VAL C 133 -3.83 36.86 8.58
CA VAL C 133 -3.88 37.02 7.12
C VAL C 133 -4.99 36.21 6.44
N SER C 134 -5.29 35.01 6.93
CA SER C 134 -6.21 34.10 6.22
C SER C 134 -7.61 34.61 6.29
N ARG C 135 -8.43 34.20 5.33
CA ARG C 135 -9.85 34.51 5.39
C ARG C 135 -10.65 33.46 4.61
N LEU C 136 -11.73 33.00 5.20
CA LEU C 136 -12.69 32.21 4.48
C LEU C 136 -13.99 33.03 4.34
N ASP C 137 -14.51 33.11 3.12
CA ASP C 137 -15.67 33.95 2.83
C ASP C 137 -16.82 33.17 2.17
N ALA C 138 -16.49 32.09 1.49
CA ALA C 138 -17.49 31.34 0.73
C ALA C 138 -17.51 29.85 1.08
N GLU C 139 -18.67 29.23 0.83
CA GLU C 139 -18.83 27.79 1.01
C GLU C 139 -18.63 27.10 -0.33
N ALA C 140 -18.86 25.79 -0.35
CA ALA C 140 -18.77 25.03 -1.59
C ALA C 140 -20.14 24.96 -2.25
N PRO C 141 -20.17 25.07 -3.58
CA PRO C 141 -18.94 25.15 -4.38
C PRO C 141 -18.65 26.58 -4.85
N GLU C 142 -19.22 27.57 -4.18
CA GLU C 142 -19.00 28.96 -4.54
C GLU C 142 -17.52 29.33 -4.44
N LEU C 143 -16.83 28.70 -3.50
CA LEU C 143 -15.42 28.96 -3.26
C LEU C 143 -14.55 28.70 -4.49
N ASN C 144 -14.90 27.68 -5.26
CA ASN C 144 -14.13 27.29 -6.43
C ASN C 144 -14.17 28.32 -7.55
N ARG C 145 -15.13 29.24 -7.49
CA ARG C 145 -15.30 30.25 -8.52
C ARG C 145 -14.28 31.38 -8.42
N ASP C 146 -13.69 31.53 -7.24
CA ASP C 146 -12.71 32.59 -7.00
C ASP C 146 -11.67 32.67 -8.11
N PRO C 147 -11.52 33.85 -8.69
CA PRO C 147 -10.53 34.07 -9.75
C PRO C 147 -9.18 34.46 -9.17
N PRO C 148 -8.12 34.28 -9.94
CA PRO C 148 -6.77 34.67 -9.50
C PRO C 148 -6.69 36.17 -9.24
N GLY C 149 -6.13 36.54 -8.09
CA GLY C 149 -6.04 37.94 -7.72
C GLY C 149 -7.01 38.28 -6.61
N ASP C 150 -8.16 37.61 -6.62
CA ASP C 150 -9.17 37.78 -5.58
C ASP C 150 -8.61 37.26 -4.25
N GLU C 151 -8.70 38.07 -3.21
CA GLU C 151 -8.14 37.70 -1.93
C GLU C 151 -9.11 36.88 -1.07
N ARG C 152 -10.34 36.71 -1.51
CA ARG C 152 -11.28 35.91 -0.72
C ARG C 152 -10.81 34.43 -0.71
N ASP C 153 -11.08 33.70 0.39
CA ASP C 153 -10.72 32.29 0.47
C ASP C 153 -9.22 32.00 0.29
N THR C 154 -8.37 32.87 0.81
CA THR C 154 -6.92 32.73 0.68
C THR C 154 -6.23 32.67 2.04
N THR C 155 -5.02 32.12 2.00
CA THR C 155 -4.17 32.00 3.15
C THR C 155 -2.77 32.13 2.61
N THR C 156 -1.77 31.94 3.47
CA THR C 156 -0.40 31.90 3.01
C THR C 156 0.26 30.66 3.59
N PRO C 157 1.33 30.20 2.94
CA PRO C 157 1.99 29.00 3.47
C PRO C 157 2.43 29.21 4.91
N HIS C 158 3.02 30.37 5.16
CA HIS C 158 3.48 30.72 6.51
C HIS C 158 2.31 30.63 7.50
N ALA C 159 1.20 31.27 7.16
CA ALA C 159 0.09 31.34 8.11
C ALA C 159 -0.55 29.97 8.39
N ILE C 160 -0.82 29.17 7.35
CA ILE C 160 -1.53 27.93 7.57
C ILE C 160 -0.62 26.97 8.32
N ALA C 161 0.68 27.10 8.06
CA ALA C 161 1.62 26.19 8.76
C ALA C 161 1.65 26.46 10.26
N LEU C 162 1.62 27.74 10.65
CA LEU C 162 1.67 28.09 12.07
C LEU C 162 0.33 27.70 12.75
N VAL C 163 -0.79 27.87 12.03
CA VAL C 163 -2.04 27.24 12.50
C VAL C 163 -1.93 25.72 12.71
N LEU C 164 -1.50 24.99 11.69
CA LEU C 164 -1.46 23.54 11.83
C LEU C 164 -0.53 23.16 12.99
N GLN C 165 0.59 23.85 13.13
CA GLN C 165 1.54 23.53 14.20
C GLN C 165 0.88 23.61 15.59
N GLN C 166 0.12 24.67 15.85
CA GLN C 166 -0.54 24.84 17.14
C GLN C 166 -1.55 23.76 17.42
N LEU C 167 -2.30 23.39 16.38
CA LEU C 167 -3.33 22.35 16.46
C LEU C 167 -2.80 20.96 16.74
N VAL C 168 -1.72 20.56 16.06
CA VAL C 168 -1.28 19.17 16.15
C VAL C 168 -0.14 18.96 17.14
N LEU C 169 0.81 19.89 17.19
CA LEU C 169 2.01 19.74 18.03
C LEU C 169 1.97 20.67 19.25
N GLY C 170 1.16 21.72 19.17
CA GLY C 170 1.11 22.73 20.23
C GLY C 170 -0.11 22.49 21.12
N ASN C 171 -0.58 23.53 21.81
CA ASN C 171 -1.61 23.32 22.83
C ASN C 171 -2.95 23.99 22.53
N ALA C 172 -3.24 24.21 21.25
CA ALA C 172 -4.53 24.78 20.91
C ALA C 172 -5.68 23.86 21.29
N LEU C 173 -5.46 22.54 21.27
CA LEU C 173 -6.52 21.62 21.66
C LEU C 173 -6.04 20.82 22.86
N PRO C 174 -6.98 20.37 23.72
CA PRO C 174 -6.61 19.47 24.83
C PRO C 174 -6.31 18.11 24.23
N PRO C 175 -5.54 17.25 24.94
CA PRO C 175 -5.09 15.98 24.33
C PRO C 175 -6.17 15.12 23.72
N ASP C 176 -7.36 15.05 24.33
CA ASP C 176 -8.34 14.14 23.75
C ASP C 176 -8.86 14.61 22.38
N LYS C 177 -9.03 15.90 22.22
CA LYS C 177 -9.55 16.44 20.99
C LYS C 177 -8.43 16.48 19.93
N ARG C 178 -7.22 16.81 20.39
CA ARG C 178 -6.01 16.80 19.58
C ARG C 178 -5.77 15.44 18.95
N ALA C 179 -5.93 14.36 19.70
CA ALA C 179 -5.71 13.02 19.16
C ALA C 179 -6.75 12.69 18.07
N LEU C 180 -7.94 13.23 18.19
CA LEU C 180 -8.97 12.96 17.19
C LEU C 180 -8.63 13.62 15.85
N LEU C 181 -8.25 14.89 15.89
CA LEU C 181 -7.83 15.65 14.71
C LEU C 181 -6.64 14.93 14.05
N THR C 182 -5.67 14.55 14.87
CA THR C 182 -4.42 13.93 14.44
C THR C 182 -4.67 12.60 13.72
N ASP C 183 -5.51 11.75 14.33
CA ASP C 183 -5.89 10.46 13.75
C ASP C 183 -6.67 10.61 12.43
N TRP C 184 -7.55 11.59 12.36
CA TRP C 184 -8.25 11.81 11.11
C TRP C 184 -7.25 12.19 10.00
N MET C 185 -6.32 13.08 10.30
CA MET C 185 -5.38 13.48 9.25
C MET C 185 -4.46 12.34 8.92
N ALA C 186 -4.14 11.48 9.91
CA ALA C 186 -3.23 10.34 9.72
C ALA C 186 -3.84 9.34 8.77
N ARG C 187 -5.17 9.30 8.72
CA ARG C 187 -5.89 8.37 7.85
C ARG C 187 -6.51 9.03 6.63
N ASN C 188 -5.98 10.21 6.29
CA ASN C 188 -6.47 10.90 5.08
C ASN C 188 -6.38 9.97 3.86
N THR C 189 -7.39 9.97 2.99
CA THR C 189 -7.33 9.13 1.80
C THR C 189 -6.95 9.90 0.51
N THR C 190 -6.82 11.23 0.58
CA THR C 190 -6.65 11.99 -0.66
C THR C 190 -5.23 12.46 -0.98
N GLY C 191 -4.27 12.15 -0.12
CA GLY C 191 -2.96 12.79 -0.19
C GLY C 191 -1.77 11.94 -0.61
N ALA C 192 -2.01 10.75 -1.17
CA ALA C 192 -0.94 9.79 -1.41
C ALA C 192 0.09 10.27 -2.43
N LYS C 193 -0.33 11.13 -3.34
CA LYS C 193 0.54 11.60 -4.39
C LYS C 193 1.14 12.95 -4.10
N ARG C 194 1.02 13.42 -2.86
CA ARG C 194 1.52 14.75 -2.59
C ARG C 194 2.69 14.72 -1.58
N ILE C 195 2.56 15.37 -0.43
CA ILE C 195 3.68 15.40 0.50
C ILE C 195 4.11 13.97 0.86
N ARG C 196 3.13 13.09 1.06
CA ARG C 196 3.39 11.68 1.37
C ARG C 196 4.28 11.03 0.30
N ALA C 197 4.14 11.41 -0.96
CA ALA C 197 4.94 10.77 -2.03
C ALA C 197 6.34 11.35 -2.10
N GLY C 198 6.53 12.53 -1.56
CA GLY C 198 7.86 13.11 -1.51
C GLY C 198 8.73 12.73 -0.33
N PHE C 199 8.12 12.20 0.74
CA PHE C 199 8.87 11.80 1.92
C PHE C 199 9.10 10.29 1.93
N PRO C 200 10.28 9.88 2.39
CA PRO C 200 10.59 8.45 2.48
C PRO C 200 9.53 7.73 3.31
N ALA C 201 9.26 6.47 2.95
CA ALA C 201 8.22 5.69 3.60
C ALA C 201 8.36 5.65 5.13
N ASP C 202 9.59 5.59 5.62
CA ASP C 202 9.82 5.50 7.06
C ASP C 202 9.62 6.82 7.80
N TRP C 203 9.12 7.82 7.08
CA TRP C 203 8.71 9.07 7.70
C TRP C 203 7.23 9.03 7.87
N LYS C 204 6.74 9.38 9.05
CA LYS C 204 5.30 9.43 9.28
C LYS C 204 4.74 10.73 8.75
N VAL C 205 3.65 10.65 7.99
CA VAL C 205 3.05 11.83 7.40
C VAL C 205 1.54 11.84 7.68
N ILE C 206 1.01 12.95 8.19
CA ILE C 206 -0.45 13.14 8.22
C ILE C 206 -0.75 14.42 7.46
N ASP C 207 -1.85 14.49 6.72
CA ASP C 207 -2.02 15.67 5.92
C ASP C 207 -3.48 16.01 5.64
N LYS C 208 -3.70 17.21 5.06
CA LYS C 208 -4.98 17.58 4.47
C LYS C 208 -4.70 18.26 3.12
N THR C 209 -5.37 17.83 2.06
CA THR C 209 -5.12 18.40 0.75
C THR C 209 -6.10 19.46 0.40
N GLY C 210 -5.81 20.12 -0.72
CA GLY C 210 -6.78 21.00 -1.34
C GLY C 210 -6.53 21.06 -2.85
N THR C 211 -7.61 21.12 -3.63
CA THR C 211 -7.48 21.19 -5.08
C THR C 211 -8.57 22.13 -5.59
N GLY C 212 -8.26 22.90 -6.64
CA GLY C 212 -9.28 23.75 -7.22
C GLY C 212 -9.09 23.94 -8.74
N ASP C 213 -9.81 24.90 -9.30
CA ASP C 213 -9.57 25.32 -10.69
C ASP C 213 -8.28 26.16 -10.78
N TYR C 214 -7.94 26.61 -12.00
CA TYR C 214 -6.68 27.33 -12.20
C TYR C 214 -5.49 26.56 -11.66
N GLY C 215 -5.54 25.23 -11.80
CA GLY C 215 -4.40 24.41 -11.43
C GLY C 215 -4.01 24.44 -9.94
N ARG C 216 -4.94 24.83 -9.09
CA ARG C 216 -4.67 24.97 -7.65
C ARG C 216 -4.47 23.61 -7.02
N ALA C 217 -3.33 23.41 -6.37
CA ALA C 217 -3.12 22.18 -5.60
C ALA C 217 -2.25 22.43 -4.39
N ASN C 218 -2.76 22.05 -3.22
CA ASN C 218 -2.12 22.33 -1.92
C ASN C 218 -2.02 21.03 -1.14
N ASP C 219 -1.13 21.02 -0.15
CA ASP C 219 -1.09 19.94 0.83
C ASP C 219 -0.46 20.53 2.08
N ILE C 220 -1.07 20.30 3.24
CA ILE C 220 -0.45 20.75 4.48
C ILE C 220 -0.31 19.49 5.37
N ALA C 221 0.80 19.38 6.09
CA ALA C 221 1.12 18.11 6.69
C ALA C 221 1.91 18.27 7.96
N VAL C 222 1.80 17.30 8.85
CA VAL C 222 2.79 17.22 9.91
C VAL C 222 3.55 15.93 9.63
N VAL C 223 4.87 15.96 9.71
CA VAL C 223 5.64 14.77 9.42
C VAL C 223 6.57 14.52 10.58
N TRP C 224 6.92 13.24 10.77
CA TRP C 224 7.89 12.86 11.80
C TRP C 224 9.01 12.09 11.16
N SER C 225 10.24 12.48 11.49
CA SER C 225 11.39 11.69 11.07
C SER C 225 11.37 10.24 11.63
N PRO C 226 12.30 9.40 11.15
CA PRO C 226 12.32 8.00 11.58
C PRO C 226 12.62 7.85 13.09
N THR C 227 13.19 8.87 13.73
CA THR C 227 13.44 8.82 15.18
C THR C 227 12.44 9.74 15.92
N GLY C 228 11.34 10.12 15.27
CA GLY C 228 10.23 10.84 15.91
C GLY C 228 10.34 12.34 16.05
N VAL C 229 11.20 12.97 15.26
CA VAL C 229 11.34 14.41 15.29
C VAL C 229 10.29 15.04 14.35
N PRO C 230 9.39 15.92 14.87
CA PRO C 230 8.30 16.44 14.03
C PRO C 230 8.62 17.76 13.30
N TYR C 231 8.00 17.91 12.12
CA TYR C 231 8.03 19.15 11.34
C TYR C 231 6.68 19.37 10.72
N VAL C 232 6.29 20.63 10.55
CA VAL C 232 5.07 20.94 9.87
C VAL C 232 5.47 21.38 8.47
N VAL C 233 4.75 20.94 7.45
CA VAL C 233 5.13 21.28 6.07
C VAL C 233 3.91 21.75 5.30
N ALA C 234 3.93 23.01 4.88
CA ALA C 234 2.84 23.53 4.03
C ALA C 234 3.35 23.74 2.62
N VAL C 235 2.65 23.20 1.62
CA VAL C 235 3.01 23.41 0.23
C VAL C 235 1.72 23.79 -0.51
N MET C 236 1.79 24.92 -1.21
CA MET C 236 0.67 25.42 -1.97
C MET C 236 1.11 25.69 -3.40
N SER C 237 0.18 25.63 -4.33
CA SER C 237 0.59 25.91 -5.71
C SER C 237 -0.61 26.27 -6.55
N ASP C 238 -0.34 26.96 -7.64
CA ASP C 238 -1.38 27.12 -8.66
C ASP C 238 -0.73 27.29 -10.04
N ARG C 239 -1.55 27.19 -11.08
CA ARG C 239 -1.10 27.42 -12.45
C ARG C 239 -2.10 28.39 -13.03
N ALA C 240 -2.33 29.51 -12.32
CA ALA C 240 -3.45 30.39 -12.64
C ALA C 240 -3.31 31.05 -14.02
N GLY C 241 -2.10 31.14 -14.57
CA GLY C 241 -1.93 31.72 -15.90
C GLY C 241 -2.59 30.87 -16.98
N GLY C 242 -2.78 29.59 -16.71
CA GLY C 242 -3.31 28.68 -17.71
C GLY C 242 -4.82 28.71 -17.75
N GLY C 243 -5.39 29.64 -17.02
CA GLY C 243 -6.84 29.71 -16.99
C GLY C 243 -7.53 28.68 -16.10
N TYR C 244 -8.84 28.80 -16.08
CA TYR C 244 -9.68 28.10 -15.15
C TYR C 244 -9.60 26.57 -15.30
N ASP C 245 -9.33 26.10 -16.52
CA ASP C 245 -9.27 24.67 -16.83
C ASP C 245 -7.90 24.07 -16.56
N ALA C 246 -6.92 24.88 -16.18
CA ALA C 246 -5.56 24.35 -16.02
C ALA C 246 -5.62 23.18 -15.05
N GLU C 247 -4.88 22.12 -15.35
CA GLU C 247 -4.85 20.97 -14.48
C GLU C 247 -3.81 21.17 -13.38
N PRO C 248 -4.15 20.75 -12.16
CA PRO C 248 -3.15 20.85 -11.10
C PRO C 248 -2.05 19.82 -11.37
N ARG C 249 -0.86 20.06 -10.81
CA ARG C 249 0.24 19.11 -10.98
C ARG C 249 0.67 18.52 -9.65
N GLU C 250 0.16 17.33 -9.34
CA GLU C 250 0.48 16.73 -8.05
C GLU C 250 1.98 16.45 -7.92
N ALA C 251 2.62 16.11 -9.03
CA ALA C 251 4.05 15.78 -8.97
C ALA C 251 4.84 16.99 -8.49
N LEU C 252 4.34 18.19 -8.74
CA LEU C 252 5.06 19.38 -8.27
C LEU C 252 5.17 19.38 -6.72
N LEU C 253 4.07 19.00 -6.05
CA LEU C 253 4.03 18.97 -4.60
C LEU C 253 4.93 17.87 -4.05
N ALA C 254 4.85 16.67 -4.64
CA ALA C 254 5.72 15.57 -4.26
C ALA C 254 7.19 15.96 -4.39
N GLU C 255 7.60 16.56 -5.51
CA GLU C 255 9.03 16.88 -5.69
C GLU C 255 9.48 17.99 -4.72
N ALA C 256 8.64 18.99 -4.53
CA ALA C 256 8.97 20.03 -3.56
C ALA C 256 9.15 19.40 -2.16
N ALA C 257 8.34 18.40 -1.85
CA ALA C 257 8.40 17.76 -0.54
C ALA C 257 9.70 16.93 -0.44
N THR C 258 10.14 16.37 -1.57
CA THR C 258 11.41 15.63 -1.53
C THR C 258 12.59 16.59 -1.26
N CYS C 259 12.64 17.74 -1.94
CA CYS C 259 13.63 18.80 -1.61
C CYS C 259 13.59 19.17 -0.14
N VAL C 260 12.40 19.40 0.40
CA VAL C 260 12.26 19.66 1.81
C VAL C 260 12.84 18.49 2.65
N ALA C 261 12.45 17.25 2.35
CA ALA C 261 12.99 16.12 3.16
C ALA C 261 14.51 16.12 3.15
N GLY C 262 15.10 16.47 2.01
CA GLY C 262 16.55 16.45 1.88
C GLY C 262 17.21 17.47 2.81
N VAL C 263 16.53 18.58 3.05
CA VAL C 263 17.06 19.58 3.98
C VAL C 263 16.83 19.18 5.46
N LEU C 264 15.80 18.39 5.70
CA LEU C 264 15.48 17.97 7.08
C LEU C 264 16.19 16.66 7.53
N ALA C 265 16.90 15.98 6.64
CA ALA C 265 17.37 14.61 6.88
C ALA C 265 18.48 14.46 7.94
N ASP D 1 -26.03 -24.19 -1.01
CA ASP D 1 -25.75 -23.48 0.25
C ASP D 1 -25.51 -21.99 0.00
N LEU D 2 -25.16 -21.62 -1.25
CA LEU D 2 -25.02 -20.19 -1.55
C LEU D 2 -26.33 -19.48 -1.26
N ALA D 3 -27.43 -20.09 -1.70
CA ALA D 3 -28.74 -19.50 -1.52
C ALA D 3 -29.16 -19.38 -0.05
N ASP D 4 -28.68 -20.28 0.81
CA ASP D 4 -28.99 -20.18 2.23
C ASP D 4 -28.18 -19.04 2.86
N ARG D 5 -27.02 -18.76 2.28
CA ARG D 5 -26.22 -17.63 2.74
C ARG D 5 -26.91 -16.31 2.37
N PHE D 6 -27.41 -16.19 1.14
CA PHE D 6 -28.10 -14.96 0.74
C PHE D 6 -29.32 -14.75 1.64
N ALA D 7 -30.06 -15.82 1.89
CA ALA D 7 -31.18 -15.75 2.84
C ALA D 7 -30.75 -15.27 4.21
N GLU D 8 -29.63 -15.78 4.72
CA GLU D 8 -29.24 -15.35 6.03
C GLU D 8 -28.87 -13.87 6.00
N LEU D 9 -28.26 -13.42 4.89
CA LEU D 9 -27.97 -11.99 4.76
C LEU D 9 -29.28 -11.17 4.84
N GLU D 10 -30.35 -11.66 4.22
CA GLU D 10 -31.63 -10.95 4.21
C GLU D 10 -32.17 -10.80 5.61
N ARG D 11 -32.07 -11.85 6.41
CA ARG D 11 -32.50 -11.79 7.81
C ARG D 11 -31.57 -10.89 8.63
N ARG D 12 -30.27 -10.96 8.36
CA ARG D 12 -29.33 -10.19 9.18
C ARG D 12 -29.53 -8.69 8.95
N TYR D 13 -29.86 -8.33 7.72
CA TYR D 13 -29.96 -6.90 7.41
C TYR D 13 -31.39 -6.41 7.26
N ASP D 14 -32.36 -7.31 7.46
CA ASP D 14 -33.79 -6.99 7.36
C ASP D 14 -34.08 -6.35 6.01
N ALA D 15 -33.69 -7.06 4.95
CA ALA D 15 -33.77 -6.51 3.59
C ALA D 15 -34.19 -7.57 2.57
N ARG D 16 -34.53 -7.13 1.37
CA ARG D 16 -34.69 -8.05 0.26
C ARG D 16 -33.49 -7.84 -0.65
N LEU D 17 -32.88 -8.95 -1.06
CA LEU D 17 -31.62 -8.98 -1.80
C LEU D 17 -31.78 -9.67 -3.16
N GLY D 18 -31.24 -9.03 -4.20
CA GLY D 18 -31.19 -9.62 -5.52
C GLY D 18 -29.75 -9.68 -6.01
N VAL D 19 -29.39 -10.81 -6.62
CA VAL D 19 -28.02 -11.09 -7.09
C VAL D 19 -28.02 -11.80 -8.44
N TYR D 20 -27.21 -11.35 -9.37
CA TYR D 20 -26.98 -12.15 -10.57
C TYR D 20 -25.57 -12.02 -11.05
N VAL D 21 -24.96 -13.17 -11.29
CA VAL D 21 -23.67 -13.25 -12.01
C VAL D 21 -23.84 -14.15 -13.22
N PRO D 22 -23.71 -13.59 -14.43
CA PRO D 22 -23.87 -14.42 -15.63
C PRO D 22 -22.90 -15.61 -15.66
N ALA D 23 -23.35 -16.71 -16.25
CA ALA D 23 -22.53 -17.89 -16.44
C ALA D 23 -21.33 -17.53 -17.30
N THR D 24 -20.22 -18.23 -17.14
CA THR D 24 -19.13 -18.09 -18.09
C THR D 24 -18.81 -19.49 -18.66
N GLY D 25 -17.75 -19.58 -19.45
CA GLY D 25 -17.27 -20.88 -19.89
C GLY D 25 -17.03 -21.90 -18.78
N THR D 26 -16.61 -21.45 -17.60
CA THR D 26 -16.20 -22.39 -16.54
C THR D 26 -17.00 -22.27 -15.23
N THR D 27 -18.04 -21.44 -15.24
CA THR D 27 -18.83 -21.17 -14.04
C THR D 27 -20.32 -21.10 -14.39
N ALA D 28 -21.15 -21.64 -13.52
CA ALA D 28 -22.59 -21.51 -13.72
C ALA D 28 -23.03 -20.11 -13.26
N ALA D 29 -24.26 -19.74 -13.61
CA ALA D 29 -24.81 -18.46 -13.23
C ALA D 29 -25.06 -18.46 -11.72
N ILE D 30 -24.84 -17.33 -11.06
CA ILE D 30 -25.27 -17.22 -9.68
C ILE D 30 -26.54 -16.42 -9.70
N GLU D 31 -27.54 -16.88 -8.97
CA GLU D 31 -28.80 -16.16 -9.02
C GLU D 31 -29.61 -16.27 -7.74
N TYR D 32 -30.14 -15.14 -7.33
CA TYR D 32 -30.94 -15.05 -6.12
C TYR D 32 -31.94 -13.89 -6.34
N ARG D 33 -33.23 -14.23 -6.37
CA ARG D 33 -34.27 -13.29 -6.72
C ARG D 33 -33.86 -12.54 -7.98
N ALA D 34 -33.12 -13.20 -8.86
CA ALA D 34 -32.53 -12.51 -10.01
C ALA D 34 -33.58 -11.99 -10.99
N ASP D 35 -34.78 -12.55 -10.94
CA ASP D 35 -35.83 -12.13 -11.86
C ASP D 35 -36.93 -11.30 -11.21
N GLU D 36 -36.77 -10.95 -9.94
CA GLU D 36 -37.69 -10.01 -9.32
C GLU D 36 -37.29 -8.59 -9.73
N ARG D 37 -38.27 -7.70 -9.76
CA ARG D 37 -38.03 -6.31 -10.09
C ARG D 37 -37.48 -5.54 -8.87
N PHE D 38 -36.50 -4.66 -9.12
CA PHE D 38 -36.04 -3.67 -8.13
C PHE D 38 -35.94 -2.35 -8.84
N ALA D 39 -36.10 -1.25 -8.12
CA ALA D 39 -35.87 0.07 -8.71
C ALA D 39 -34.45 0.18 -9.29
N PHE D 40 -34.30 0.74 -10.49
CA PHE D 40 -32.99 1.00 -11.02
C PHE D 40 -32.20 1.89 -10.03
N CYS D 41 -32.86 2.95 -9.53
CA CYS D 41 -32.18 4.12 -8.97
C CYS D 41 -31.10 4.60 -9.94
N SER D 42 -29.96 5.05 -9.44
CA SER D 42 -28.95 5.61 -10.35
C SER D 42 -28.20 4.56 -11.21
N THR D 43 -28.44 3.27 -10.99
CA THR D 43 -27.73 2.29 -11.85
C THR D 43 -28.00 2.52 -13.33
N PHE D 44 -29.13 3.14 -13.66
CA PHE D 44 -29.49 3.33 -15.08
C PHE D 44 -28.53 4.28 -15.77
N LYS D 45 -27.74 5.02 -14.99
CA LYS D 45 -26.86 6.01 -15.60
C LYS D 45 -25.75 5.38 -16.44
N ALA D 46 -25.36 4.16 -16.12
CA ALA D 46 -24.37 3.50 -16.96
C ALA D 46 -24.91 3.14 -18.35
N PRO D 47 -26.02 2.37 -18.42
CA PRO D 47 -26.53 2.19 -19.80
C PRO D 47 -27.01 3.50 -20.46
N LEU D 48 -27.40 4.50 -19.66
CA LEU D 48 -27.73 5.79 -20.24
C LEU D 48 -26.55 6.34 -21.02
N VAL D 49 -25.36 6.32 -20.41
CA VAL D 49 -24.16 6.81 -21.09
C VAL D 49 -23.86 5.97 -22.32
N ALA D 50 -24.07 4.66 -22.22
CA ALA D 50 -23.86 3.81 -23.38
C ALA D 50 -24.83 4.24 -24.50
N ALA D 51 -26.07 4.57 -24.14
CA ALA D 51 -27.08 4.98 -25.12
C ALA D 51 -26.63 6.24 -25.87
N VAL D 52 -26.19 7.24 -25.10
CA VAL D 52 -25.69 8.47 -25.70
C VAL D 52 -24.47 8.24 -26.56
N LEU D 53 -23.55 7.38 -26.12
CA LEU D 53 -22.35 7.09 -26.91
C LEU D 53 -22.75 6.37 -28.20
N HIS D 54 -23.73 5.50 -28.07
CA HIS D 54 -24.05 4.64 -29.21
C HIS D 54 -24.67 5.42 -30.39
N GLN D 55 -25.50 6.40 -30.06
CA GLN D 55 -26.37 7.05 -31.04
C GLN D 55 -25.74 8.24 -31.71
N ASN D 56 -24.50 8.54 -31.33
CA ASN D 56 -23.87 9.77 -31.78
C ASN D 56 -22.43 9.50 -32.17
N PRO D 57 -21.92 10.21 -33.18
CA PRO D 57 -20.49 10.03 -33.45
C PRO D 57 -19.71 10.55 -32.25
N LEU D 58 -18.43 10.22 -32.21
CA LEU D 58 -17.58 10.60 -31.09
C LEU D 58 -17.44 12.12 -30.89
N THR D 59 -17.49 12.88 -31.98
CA THR D 59 -17.34 14.34 -31.89
C THR D 59 -18.44 14.95 -31.04
N HIS D 60 -19.57 14.26 -30.94
CA HIS D 60 -20.72 14.74 -30.17
C HIS D 60 -20.38 14.95 -28.67
N LEU D 61 -19.36 14.28 -28.16
CA LEU D 61 -19.01 14.43 -26.73
C LEU D 61 -18.53 15.84 -26.40
N ASP D 62 -18.06 16.56 -27.43
CA ASP D 62 -17.60 17.94 -27.27
C ASP D 62 -18.72 18.96 -27.33
N LYS D 63 -19.91 18.51 -27.71
CA LYS D 63 -21.02 19.44 -27.82
C LYS D 63 -21.29 20.06 -26.47
N LEU D 64 -21.42 21.39 -26.43
CA LEU D 64 -21.67 22.09 -25.18
C LEU D 64 -23.16 22.16 -24.84
N ILE D 65 -23.50 21.89 -23.59
CA ILE D 65 -24.88 21.87 -23.16
C ILE D 65 -25.08 22.91 -22.08
N THR D 66 -26.06 23.77 -22.30
CA THR D 66 -26.32 24.93 -21.47
C THR D 66 -27.52 24.57 -20.63
N TYR D 67 -27.49 24.95 -19.36
CA TYR D 67 -28.61 24.68 -18.47
C TYR D 67 -28.62 25.81 -17.48
N THR D 68 -29.70 25.92 -16.72
CA THR D 68 -29.84 26.95 -15.71
C THR D 68 -30.09 26.31 -14.38
N SER D 69 -29.98 27.12 -13.33
CA SER D 69 -30.18 26.69 -11.97
C SER D 69 -31.53 25.99 -11.69
N ASP D 70 -32.55 26.26 -12.50
CA ASP D 70 -33.81 25.60 -12.22
C ASP D 70 -33.80 24.17 -12.75
N ASP D 71 -32.84 23.87 -13.61
CA ASP D 71 -32.63 22.51 -14.11
C ASP D 71 -31.93 21.62 -13.08
N ILE D 72 -31.32 22.22 -12.06
CA ILE D 72 -30.57 21.45 -11.09
C ILE D 72 -31.54 20.78 -10.14
N ARG D 73 -31.48 19.45 -10.07
CA ARG D 73 -32.68 18.70 -9.65
C ARG D 73 -32.67 17.88 -8.35
N SER D 74 -31.75 16.93 -8.26
CA SER D 74 -31.57 16.14 -7.05
C SER D 74 -30.11 16.23 -6.65
N ILE D 75 -29.49 15.11 -6.29
CA ILE D 75 -28.07 15.17 -5.97
C ILE D 75 -27.28 15.60 -7.20
N SER D 76 -26.48 16.65 -7.01
CA SER D 76 -25.78 17.26 -8.12
C SER D 76 -24.43 17.84 -7.72
N PRO D 77 -23.50 16.97 -7.29
CA PRO D 77 -22.16 17.39 -6.85
C PRO D 77 -21.34 18.08 -7.94
N VAL D 78 -21.68 17.91 -9.21
CA VAL D 78 -20.89 18.49 -10.29
C VAL D 78 -21.63 19.61 -11.04
N ALA D 79 -22.87 19.35 -11.44
CA ALA D 79 -23.57 20.27 -12.36
C ALA D 79 -23.68 21.69 -11.79
N GLN D 80 -23.88 21.76 -10.48
CA GLN D 80 -24.04 23.05 -9.81
C GLN D 80 -22.88 23.98 -10.04
N GLN D 81 -21.69 23.41 -10.18
CA GLN D 81 -20.51 24.23 -10.29
C GLN D 81 -20.25 24.70 -11.71
N HIS D 82 -21.08 24.28 -12.65
CA HIS D 82 -20.83 24.61 -14.03
C HIS D 82 -22.00 25.30 -14.70
N VAL D 83 -22.96 25.75 -13.90
CA VAL D 83 -24.16 26.34 -14.45
C VAL D 83 -23.88 27.59 -15.29
N GLN D 84 -22.73 28.21 -15.11
CA GLN D 84 -22.39 29.40 -15.90
C GLN D 84 -21.81 29.01 -17.25
N THR D 85 -20.93 28.00 -17.27
CA THR D 85 -20.25 27.65 -18.51
C THR D 85 -20.96 26.59 -19.35
N GLY D 86 -21.95 25.92 -18.75
CA GLY D 86 -22.45 24.68 -19.33
C GLY D 86 -21.42 23.56 -19.22
N MET D 87 -21.85 22.35 -19.56
CA MET D 87 -20.95 21.20 -19.57
C MET D 87 -21.03 20.55 -20.93
N THR D 88 -19.96 19.96 -21.41
CA THR D 88 -20.09 19.19 -22.63
C THR D 88 -20.84 17.86 -22.34
N ILE D 89 -21.25 17.19 -23.41
CA ILE D 89 -21.87 15.87 -23.31
C ILE D 89 -20.91 14.89 -22.60
N GLY D 90 -19.66 14.86 -23.07
CA GLY D 90 -18.61 14.06 -22.44
C GLY D 90 -18.42 14.33 -20.95
N GLN D 91 -18.44 15.60 -20.56
CA GLN D 91 -18.38 15.99 -19.15
C GLN D 91 -19.61 15.54 -18.37
N LEU D 92 -20.77 15.57 -19.04
CA LEU D 92 -21.98 15.09 -18.39
C LEU D 92 -21.91 13.56 -18.18
N CYS D 93 -21.41 12.84 -19.17
CA CYS D 93 -21.26 11.38 -19.01
C CYS D 93 -20.35 11.10 -17.81
N ASP D 94 -19.23 11.82 -17.74
CA ASP D 94 -18.26 11.66 -16.65
C ASP D 94 -18.92 11.86 -15.31
N ALA D 95 -19.63 12.97 -15.18
CA ALA D 95 -20.37 13.26 -13.95
C ALA D 95 -21.47 12.28 -13.60
N ALA D 96 -22.25 11.87 -14.61
CA ALA D 96 -23.36 10.93 -14.40
C ALA D 96 -22.89 9.60 -13.83
N ILE D 97 -21.77 9.08 -14.33
CA ILE D 97 -21.22 7.84 -13.84
C ILE D 97 -20.34 7.98 -12.60
N ARG D 98 -19.36 8.88 -12.65
CA ARG D 98 -18.40 8.99 -11.54
C ARG D 98 -18.94 9.59 -10.25
N TYR D 99 -19.93 10.46 -10.37
CA TYR D 99 -20.47 11.15 -9.18
C TYR D 99 -21.99 10.98 -9.08
N SER D 100 -22.53 10.17 -9.98
CA SER D 100 -23.96 9.87 -9.94
C SER D 100 -24.78 11.17 -10.04
N ASP D 101 -24.30 12.12 -10.84
CA ASP D 101 -24.93 13.44 -10.86
C ASP D 101 -26.32 13.32 -11.50
N GLY D 102 -27.37 13.66 -10.76
CA GLY D 102 -28.75 13.55 -11.23
C GLY D 102 -29.15 14.56 -12.32
N THR D 103 -28.61 15.75 -12.24
CA THR D 103 -28.85 16.79 -13.22
C THR D 103 -28.18 16.36 -14.50
N ALA D 104 -26.95 15.89 -14.38
CA ALA D 104 -26.24 15.38 -15.54
C ALA D 104 -27.01 14.25 -16.23
N ALA D 105 -27.69 13.40 -15.45
CA ALA D 105 -28.41 12.26 -16.03
C ALA D 105 -29.65 12.76 -16.80
N ASN D 106 -30.38 13.69 -16.19
CA ASN D 106 -31.52 14.35 -16.85
C ASN D 106 -31.15 15.02 -18.16
N LEU D 107 -30.02 15.72 -18.18
CA LEU D 107 -29.60 16.37 -19.40
C LEU D 107 -29.22 15.34 -20.46
N LEU D 108 -28.66 14.21 -20.04
CA LEU D 108 -28.26 13.22 -21.01
C LEU D 108 -29.52 12.55 -21.57
N LEU D 109 -30.49 12.33 -20.70
CA LEU D 109 -31.78 11.80 -21.13
C LEU D 109 -32.42 12.73 -22.19
N ALA D 110 -32.46 14.02 -21.88
CA ALA D 110 -33.02 15.00 -22.81
C ALA D 110 -32.24 14.91 -24.09
N ASP D 111 -30.95 14.67 -24.02
CA ASP D 111 -30.20 14.52 -25.25
C ASP D 111 -30.64 13.32 -26.12
N LEU D 112 -31.23 12.29 -25.52
CA LEU D 112 -31.76 11.17 -26.32
C LEU D 112 -33.00 11.56 -27.15
N GLY D 113 -33.82 12.46 -26.62
CA GLY D 113 -34.96 13.01 -27.34
C GLY D 113 -36.26 12.30 -27.05
N GLY D 114 -37.38 12.87 -27.53
CA GLY D 114 -38.65 12.18 -27.48
C GLY D 114 -39.36 12.30 -26.14
N PRO D 115 -40.53 11.67 -26.03
CA PRO D 115 -41.37 11.93 -24.86
C PRO D 115 -40.81 11.36 -23.54
N GLY D 116 -41.48 11.73 -22.45
CA GLY D 116 -41.08 11.35 -21.10
C GLY D 116 -39.68 11.85 -20.76
N GLY D 117 -39.24 12.94 -21.39
CA GLY D 117 -37.95 13.52 -21.12
C GLY D 117 -36.79 12.65 -21.59
N GLY D 118 -37.08 11.74 -22.54
CA GLY D 118 -36.08 10.85 -23.08
C GLY D 118 -36.13 9.43 -22.51
N THR D 119 -36.97 9.23 -21.50
CA THR D 119 -37.05 7.93 -20.87
C THR D 119 -37.58 6.83 -21.81
N ALA D 120 -38.44 7.18 -22.78
CA ALA D 120 -38.92 6.19 -23.74
C ALA D 120 -37.77 5.77 -24.64
N ALA D 121 -36.98 6.74 -25.09
CA ALA D 121 -35.88 6.42 -25.98
C ALA D 121 -34.82 5.63 -25.22
N PHE D 122 -34.71 5.86 -23.92
CA PHE D 122 -33.81 5.07 -23.09
C PHE D 122 -34.26 3.60 -23.04
N THR D 123 -35.52 3.40 -22.70
CA THR D 123 -36.10 2.07 -22.63
C THR D 123 -35.90 1.41 -23.99
N GLY D 124 -36.03 2.20 -25.04
CA GLY D 124 -35.78 1.70 -26.38
C GLY D 124 -34.36 1.20 -26.62
N TYR D 125 -33.40 1.89 -26.04
CA TYR D 125 -32.01 1.45 -26.18
C TYR D 125 -31.82 0.12 -25.43
N LEU D 126 -32.47 -0.07 -24.29
CA LEU D 126 -32.38 -1.37 -23.60
C LEU D 126 -32.95 -2.50 -24.48
N ARG D 127 -34.12 -2.25 -25.10
CA ARG D 127 -34.67 -3.23 -26.07
C ARG D 127 -33.66 -3.61 -27.13
N SER D 128 -32.86 -2.66 -27.62
CA SER D 128 -31.91 -2.97 -28.69
C SER D 128 -30.84 -3.94 -28.19
N LEU D 129 -30.74 -4.08 -26.87
CA LEU D 129 -29.80 -5.04 -26.29
C LEU D 129 -30.47 -6.34 -25.79
N GLY D 130 -31.73 -6.57 -26.15
CA GLY D 130 -32.39 -7.80 -25.75
C GLY D 130 -33.06 -7.73 -24.38
N ASP D 131 -33.01 -6.57 -23.75
CA ASP D 131 -33.54 -6.41 -22.40
C ASP D 131 -34.97 -5.95 -22.52
N THR D 132 -35.94 -6.84 -22.37
CA THR D 132 -37.33 -6.51 -22.62
C THR D 132 -38.05 -6.28 -21.34
N VAL D 133 -37.36 -6.45 -20.22
CA VAL D 133 -38.02 -6.42 -18.93
C VAL D 133 -37.97 -5.03 -18.29
N SER D 134 -36.84 -4.36 -18.42
CA SER D 134 -36.57 -3.11 -17.70
C SER D 134 -37.30 -1.90 -18.31
N ARG D 135 -37.62 -0.89 -17.48
CA ARG D 135 -38.20 0.33 -18.03
C ARG D 135 -37.78 1.55 -17.23
N LEU D 136 -37.52 2.66 -17.93
CA LEU D 136 -37.39 3.96 -17.26
C LEU D 136 -38.59 4.84 -17.61
N ASP D 137 -39.10 5.56 -16.62
CA ASP D 137 -40.37 6.29 -16.75
C ASP D 137 -40.30 7.75 -16.27
N ALA D 138 -39.50 8.00 -15.25
CA ALA D 138 -39.38 9.33 -14.65
C ALA D 138 -37.94 9.80 -14.71
N GLU D 139 -37.69 11.09 -14.55
CA GLU D 139 -36.31 11.52 -14.39
C GLU D 139 -35.94 11.69 -12.92
N ALA D 140 -34.73 12.17 -12.66
CA ALA D 140 -34.28 12.39 -11.28
C ALA D 140 -34.93 13.66 -10.75
N PRO D 141 -35.33 13.66 -9.46
CA PRO D 141 -35.13 12.55 -8.52
C PRO D 141 -36.33 11.61 -8.40
N GLU D 142 -37.43 11.87 -9.11
CA GLU D 142 -38.63 11.03 -9.00
C GLU D 142 -38.35 9.53 -9.17
N LEU D 143 -37.48 9.18 -10.11
CA LEU D 143 -37.22 7.76 -10.38
C LEU D 143 -36.70 6.95 -9.17
N ASN D 144 -36.24 7.62 -8.12
CA ASN D 144 -35.78 6.91 -6.92
C ASN D 144 -36.90 6.67 -5.89
N ARG D 145 -38.07 7.24 -6.13
CA ARG D 145 -39.15 7.32 -5.13
C ARG D 145 -40.45 6.54 -5.39
N ASP D 146 -40.49 5.74 -6.45
CA ASP D 146 -41.71 4.97 -6.73
C ASP D 146 -41.99 4.02 -5.58
N PRO D 147 -43.28 3.78 -5.26
CA PRO D 147 -43.53 2.86 -4.14
C PRO D 147 -43.24 1.43 -4.54
N PRO D 148 -42.99 0.55 -3.56
CA PRO D 148 -42.84 -0.89 -3.75
C PRO D 148 -44.02 -1.44 -4.54
N GLY D 149 -43.78 -2.40 -5.44
CA GLY D 149 -44.84 -2.98 -6.25
C GLY D 149 -45.05 -2.28 -7.58
N ASP D 150 -44.76 -0.98 -7.63
CA ASP D 150 -44.84 -0.21 -8.87
C ASP D 150 -43.73 -0.61 -9.88
N GLU D 151 -44.10 -0.91 -11.12
CA GLU D 151 -43.13 -1.43 -12.09
C GLU D 151 -42.38 -0.32 -12.81
N ARG D 152 -42.80 0.92 -12.65
CA ARG D 152 -42.09 1.99 -13.33
C ARG D 152 -40.68 2.15 -12.74
N ASP D 153 -39.72 2.50 -13.59
CA ASP D 153 -38.33 2.66 -13.17
C ASP D 153 -37.69 1.42 -12.51
N THR D 154 -38.01 0.23 -13.01
CA THR D 154 -37.45 -0.97 -12.43
C THR D 154 -36.63 -1.76 -13.45
N THR D 155 -35.79 -2.63 -12.93
CA THR D 155 -35.06 -3.58 -13.74
C THR D 155 -35.02 -4.84 -12.90
N THR D 156 -34.26 -5.86 -13.30
CA THR D 156 -34.02 -6.98 -12.39
C THR D 156 -32.52 -7.25 -12.40
N PRO D 157 -32.01 -7.93 -11.36
CA PRO D 157 -30.58 -8.26 -11.39
C PRO D 157 -30.14 -9.00 -12.65
N HIS D 158 -30.96 -9.95 -13.10
CA HIS D 158 -30.60 -10.74 -14.27
C HIS D 158 -30.51 -9.81 -15.49
N ALA D 159 -31.49 -8.94 -15.63
CA ALA D 159 -31.57 -8.08 -16.82
C ALA D 159 -30.43 -7.05 -16.93
N ILE D 160 -30.20 -6.30 -15.85
CA ILE D 160 -29.14 -5.30 -15.92
C ILE D 160 -27.73 -5.94 -16.04
N ALA D 161 -27.57 -7.10 -15.41
CA ALA D 161 -26.30 -7.83 -15.52
C ALA D 161 -25.98 -8.15 -16.95
N LEU D 162 -26.96 -8.68 -17.69
CA LEU D 162 -26.74 -9.00 -19.10
C LEU D 162 -26.57 -7.76 -19.96
N VAL D 163 -27.24 -6.67 -19.60
CA VAL D 163 -26.98 -5.40 -20.29
C VAL D 163 -25.52 -4.95 -20.07
N LEU D 164 -25.09 -4.90 -18.81
CA LEU D 164 -23.73 -4.45 -18.49
C LEU D 164 -22.68 -5.37 -19.16
N GLN D 165 -22.95 -6.67 -19.15
CA GLN D 165 -22.05 -7.63 -19.83
C GLN D 165 -21.82 -7.27 -21.29
N GLN D 166 -22.89 -6.96 -22.02
CA GLN D 166 -22.72 -6.57 -23.42
C GLN D 166 -21.98 -5.26 -23.60
N LEU D 167 -22.24 -4.28 -22.75
CA LEU D 167 -21.58 -2.98 -22.87
C LEU D 167 -20.09 -3.07 -22.63
N VAL D 168 -19.71 -3.79 -21.58
CA VAL D 168 -18.31 -3.78 -21.15
C VAL D 168 -17.46 -4.91 -21.73
N LEU D 169 -17.97 -6.14 -21.68
CA LEU D 169 -17.26 -7.29 -22.25
C LEU D 169 -17.68 -7.65 -23.69
N GLY D 170 -18.89 -7.27 -24.10
CA GLY D 170 -19.43 -7.65 -25.40
C GLY D 170 -19.16 -6.58 -26.44
N ASN D 171 -19.90 -6.61 -27.54
CA ASN D 171 -19.65 -5.71 -28.65
C ASN D 171 -20.82 -4.72 -28.89
N ALA D 172 -21.54 -4.39 -27.82
CA ALA D 172 -22.62 -3.44 -27.98
C ALA D 172 -22.08 -2.07 -28.41
N LEU D 173 -20.84 -1.76 -28.02
CA LEU D 173 -20.20 -0.51 -28.36
C LEU D 173 -18.91 -0.80 -29.13
N PRO D 174 -18.57 0.01 -30.14
CA PRO D 174 -17.25 -0.22 -30.75
C PRO D 174 -16.12 0.09 -29.75
N PRO D 175 -14.92 -0.46 -29.98
CA PRO D 175 -13.79 -0.37 -29.05
C PRO D 175 -13.57 1.01 -28.39
N ASP D 176 -13.60 2.09 -29.16
CA ASP D 176 -13.24 3.38 -28.59
C ASP D 176 -14.30 3.92 -27.62
N LYS D 177 -15.57 3.75 -27.98
CA LYS D 177 -16.63 4.13 -27.08
C LYS D 177 -16.73 3.19 -25.87
N ARG D 178 -16.49 1.88 -26.08
CA ARG D 178 -16.47 0.92 -24.99
C ARG D 178 -15.43 1.33 -23.94
N ALA D 179 -14.34 1.91 -24.40
CA ALA D 179 -13.24 2.23 -23.51
C ALA D 179 -13.58 3.46 -22.65
N LEU D 180 -14.30 4.41 -23.22
CA LEU D 180 -14.78 5.56 -22.45
C LEU D 180 -15.74 5.13 -21.32
N LEU D 181 -16.70 4.27 -21.63
CA LEU D 181 -17.65 3.82 -20.64
C LEU D 181 -16.90 3.08 -19.54
N THR D 182 -16.00 2.19 -19.94
CA THR D 182 -15.26 1.37 -18.99
C THR D 182 -14.40 2.22 -18.03
N ASP D 183 -13.66 3.17 -18.59
CA ASP D 183 -12.84 4.09 -17.79
C ASP D 183 -13.68 4.91 -16.83
N TRP D 184 -14.85 5.41 -17.24
CA TRP D 184 -15.65 6.15 -16.28
C TRP D 184 -16.08 5.27 -15.14
N MET D 185 -16.45 4.04 -15.43
CA MET D 185 -16.88 3.17 -14.35
C MET D 185 -15.70 2.78 -13.46
N ALA D 186 -14.50 2.64 -14.04
CA ALA D 186 -13.32 2.23 -13.26
C ALA D 186 -12.92 3.30 -12.25
N ARG D 187 -13.26 4.54 -12.55
CA ARG D 187 -12.90 5.69 -11.71
C ARG D 187 -14.12 6.26 -10.99
N ASN D 188 -15.13 5.42 -10.80
CA ASN D 188 -16.28 5.81 -9.99
C ASN D 188 -15.88 6.19 -8.57
N THR D 189 -16.56 7.16 -7.96
CA THR D 189 -16.20 7.59 -6.61
C THR D 189 -17.23 7.24 -5.54
N THR D 190 -18.30 6.57 -5.92
CA THR D 190 -19.43 6.37 -5.01
C THR D 190 -19.62 4.95 -4.46
N GLY D 191 -18.85 4.00 -4.96
CA GLY D 191 -19.09 2.60 -4.62
C GLY D 191 -18.04 1.90 -3.78
N ALA D 192 -17.26 2.66 -3.03
CA ALA D 192 -16.19 2.08 -2.22
C ALA D 192 -16.69 1.10 -1.16
N LYS D 193 -17.91 1.35 -0.66
CA LYS D 193 -18.45 0.55 0.42
C LYS D 193 -19.38 -0.58 -0.03
N ARG D 194 -19.48 -0.79 -1.33
CA ARG D 194 -20.38 -1.82 -1.86
C ARG D 194 -19.63 -3.02 -2.44
N ILE D 195 -19.86 -3.32 -3.72
CA ILE D 195 -19.21 -4.46 -4.35
C ILE D 195 -17.70 -4.40 -4.16
N ARG D 196 -17.10 -3.26 -4.46
CA ARG D 196 -15.68 -3.02 -4.19
C ARG D 196 -15.23 -3.45 -2.77
N ALA D 197 -16.04 -3.19 -1.74
CA ALA D 197 -15.64 -3.57 -0.37
C ALA D 197 -15.67 -5.08 -0.14
N GLY D 198 -16.44 -5.79 -0.96
CA GLY D 198 -16.63 -7.22 -0.79
C GLY D 198 -15.60 -8.09 -1.49
N PHE D 199 -14.92 -7.58 -2.54
CA PHE D 199 -13.86 -8.31 -3.27
C PHE D 199 -12.45 -7.98 -2.74
N PRO D 200 -11.55 -8.97 -2.74
CA PRO D 200 -10.17 -8.70 -2.34
C PRO D 200 -9.61 -7.63 -3.25
N ALA D 201 -8.71 -6.83 -2.68
CA ALA D 201 -8.10 -5.72 -3.36
C ALA D 201 -7.39 -6.12 -4.65
N ASP D 202 -6.79 -7.29 -4.74
CA ASP D 202 -6.19 -7.63 -6.03
C ASP D 202 -7.18 -8.05 -7.14
N TRP D 203 -8.48 -8.04 -6.85
CA TRP D 203 -9.45 -8.14 -7.97
C TRP D 203 -9.77 -6.74 -8.38
N LYS D 204 -9.78 -6.51 -9.67
CA LYS D 204 -10.16 -5.23 -10.16
C LYS D 204 -11.72 -5.09 -10.24
N VAL D 205 -12.24 -3.92 -9.85
CA VAL D 205 -13.69 -3.64 -9.85
C VAL D 205 -14.02 -2.29 -10.54
N ILE D 206 -14.93 -2.33 -11.50
CA ILE D 206 -15.54 -1.10 -12.02
C ILE D 206 -17.04 -1.22 -11.72
N ASP D 207 -17.70 -0.11 -11.40
CA ASP D 207 -19.07 -0.20 -10.91
C ASP D 207 -19.91 1.08 -11.07
N LYS D 208 -21.22 0.94 -10.94
CA LYS D 208 -22.15 2.06 -10.88
C LYS D 208 -23.17 1.74 -9.80
N THR D 209 -23.27 2.66 -8.84
CA THR D 209 -24.14 2.48 -7.70
C THR D 209 -25.53 3.05 -7.95
N GLY D 210 -26.44 2.68 -7.07
CA GLY D 210 -27.67 3.46 -6.93
C GLY D 210 -28.28 3.36 -5.53
N THR D 211 -28.94 4.44 -5.12
CA THR D 211 -29.49 4.58 -3.77
C THR D 211 -30.85 5.32 -3.87
N GLY D 212 -31.83 4.91 -3.08
CA GLY D 212 -33.09 5.62 -3.02
C GLY D 212 -33.82 5.47 -1.70
N ASP D 213 -35.11 5.80 -1.72
CA ASP D 213 -35.97 5.64 -0.56
C ASP D 213 -36.40 4.17 -0.42
N TYR D 214 -37.16 3.85 0.62
CA TYR D 214 -37.54 2.46 0.89
C TYR D 214 -36.28 1.60 1.06
N GLY D 215 -35.23 2.21 1.62
CA GLY D 215 -33.99 1.52 1.94
C GLY D 215 -33.34 0.93 0.70
N ARG D 216 -33.48 1.60 -0.45
CA ARG D 216 -32.90 1.07 -1.68
C ARG D 216 -31.40 1.28 -1.83
N ALA D 217 -30.68 0.18 -2.11
CA ALA D 217 -29.24 0.26 -2.38
C ALA D 217 -28.82 -0.83 -3.35
N ASN D 218 -28.24 -0.42 -4.48
CA ASN D 218 -27.79 -1.33 -5.56
C ASN D 218 -26.36 -1.06 -5.94
N ASP D 219 -25.74 -2.02 -6.61
CA ASP D 219 -24.46 -1.78 -7.28
C ASP D 219 -24.38 -2.76 -8.44
N ILE D 220 -23.94 -2.30 -9.61
CA ILE D 220 -23.58 -3.20 -10.69
C ILE D 220 -22.12 -3.00 -11.07
N ALA D 221 -21.44 -4.10 -11.38
CA ALA D 221 -20.01 -4.05 -11.58
C ALA D 221 -19.56 -5.07 -12.61
N VAL D 222 -18.39 -4.80 -13.18
CA VAL D 222 -17.60 -5.83 -13.82
C VAL D 222 -16.36 -5.99 -12.95
N VAL D 223 -15.98 -7.24 -12.69
CA VAL D 223 -14.82 -7.50 -11.83
C VAL D 223 -13.89 -8.40 -12.60
N TRP D 224 -12.59 -8.29 -12.32
CA TRP D 224 -11.59 -9.16 -12.93
C TRP D 224 -10.76 -9.85 -11.85
N SER D 225 -10.59 -11.16 -11.95
CA SER D 225 -9.81 -11.90 -10.95
C SER D 225 -8.31 -11.51 -11.01
N PRO D 226 -7.48 -12.00 -10.07
CA PRO D 226 -6.08 -11.57 -10.09
C PRO D 226 -5.36 -12.01 -11.38
N THR D 227 -5.90 -13.00 -12.07
CA THR D 227 -5.28 -13.43 -13.32
C THR D 227 -6.05 -12.94 -14.55
N GLY D 228 -6.96 -11.98 -14.36
CA GLY D 228 -7.61 -11.29 -15.47
C GLY D 228 -8.91 -11.91 -16.01
N VAL D 229 -9.52 -12.80 -15.24
CA VAL D 229 -10.79 -13.41 -15.63
C VAL D 229 -11.99 -12.57 -15.15
N PRO D 230 -12.81 -12.05 -16.11
CA PRO D 230 -13.94 -11.14 -15.89
C PRO D 230 -15.24 -11.82 -15.51
N TYR D 231 -15.97 -11.18 -14.62
CA TYR D 231 -17.33 -11.60 -14.28
C TYR D 231 -18.18 -10.36 -14.10
N VAL D 232 -19.48 -10.48 -14.34
CA VAL D 232 -20.38 -9.35 -14.13
C VAL D 232 -21.17 -9.65 -12.88
N VAL D 233 -21.32 -8.66 -12.01
CA VAL D 233 -22.01 -8.88 -10.73
C VAL D 233 -23.08 -7.81 -10.50
N ALA D 234 -24.35 -8.20 -10.41
CA ALA D 234 -25.40 -7.23 -10.12
C ALA D 234 -25.90 -7.51 -8.73
N VAL D 235 -25.95 -6.48 -7.90
CA VAL D 235 -26.48 -6.70 -6.57
C VAL D 235 -27.48 -5.59 -6.23
N MET D 236 -28.69 -5.99 -5.85
CA MET D 236 -29.80 -5.05 -5.61
C MET D 236 -30.46 -5.33 -4.26
N SER D 237 -30.93 -4.28 -3.58
CA SER D 237 -31.58 -4.52 -2.30
C SER D 237 -32.56 -3.40 -2.01
N ASP D 238 -33.56 -3.70 -1.19
CA ASP D 238 -34.41 -2.67 -0.62
C ASP D 238 -35.00 -3.16 0.70
N ARG D 239 -35.61 -2.24 1.44
CA ARG D 239 -36.06 -2.54 2.79
C ARG D 239 -37.46 -1.92 2.93
N ALA D 240 -38.41 -2.49 2.19
CA ALA D 240 -39.71 -1.84 1.98
C ALA D 240 -40.61 -1.91 3.21
N GLY D 241 -40.43 -2.92 4.05
CA GLY D 241 -41.08 -2.98 5.36
C GLY D 241 -40.92 -1.71 6.16
N GLY D 242 -39.72 -1.13 6.16
CA GLY D 242 -39.48 0.08 6.93
C GLY D 242 -40.15 1.33 6.37
N GLY D 243 -40.81 1.19 5.22
CA GLY D 243 -41.46 2.34 4.60
C GLY D 243 -40.51 3.30 3.88
N TYR D 244 -41.05 4.44 3.47
CA TYR D 244 -40.31 5.43 2.68
C TYR D 244 -38.94 5.85 3.27
N ASP D 245 -38.84 5.95 4.59
CA ASP D 245 -37.57 6.40 5.20
C ASP D 245 -36.63 5.28 5.64
N ALA D 246 -36.96 4.04 5.32
CA ALA D 246 -36.09 2.91 5.68
C ALA D 246 -34.63 3.19 5.25
N GLU D 247 -33.67 2.84 6.10
CA GLU D 247 -32.28 3.15 5.78
C GLU D 247 -31.67 2.07 4.91
N PRO D 248 -31.08 2.48 3.78
CA PRO D 248 -30.30 1.61 2.87
C PRO D 248 -29.11 1.04 3.64
N ARG D 249 -28.73 -0.20 3.36
CA ARG D 249 -27.58 -0.77 4.04
C ARG D 249 -26.49 -1.17 3.08
N GLU D 250 -25.46 -0.36 3.00
CA GLU D 250 -24.35 -0.62 2.11
C GLU D 250 -23.66 -1.93 2.47
N ALA D 251 -23.55 -2.20 3.77
CA ALA D 251 -22.86 -3.40 4.25
C ALA D 251 -23.47 -4.71 3.71
N LEU D 252 -24.77 -4.66 3.45
CA LEU D 252 -25.47 -5.82 2.90
C LEU D 252 -24.92 -6.16 1.52
N LEU D 253 -24.64 -5.14 0.72
CA LEU D 253 -24.10 -5.33 -0.62
C LEU D 253 -22.64 -5.80 -0.57
N ALA D 254 -21.86 -5.24 0.35
CA ALA D 254 -20.50 -5.68 0.58
C ALA D 254 -20.43 -7.15 1.00
N GLU D 255 -21.23 -7.56 1.99
CA GLU D 255 -21.24 -8.97 2.37
C GLU D 255 -21.72 -9.93 1.25
N ALA D 256 -22.74 -9.54 0.48
CA ALA D 256 -23.20 -10.40 -0.62
C ALA D 256 -22.08 -10.59 -1.65
N ALA D 257 -21.33 -9.52 -1.91
CA ALA D 257 -20.21 -9.59 -2.83
C ALA D 257 -19.09 -10.49 -2.31
N THR D 258 -18.88 -10.50 -0.99
CA THR D 258 -17.88 -11.41 -0.41
C THR D 258 -18.30 -12.88 -0.64
N CYS D 259 -19.58 -13.19 -0.45
CA CYS D 259 -20.09 -14.53 -0.76
C CYS D 259 -19.82 -14.95 -2.18
N VAL D 260 -20.06 -14.03 -3.11
CA VAL D 260 -19.87 -14.26 -4.53
C VAL D 260 -18.40 -14.52 -4.84
N ALA D 261 -17.56 -13.62 -4.35
CA ALA D 261 -16.11 -13.78 -4.47
C ALA D 261 -15.70 -15.16 -4.02
N GLY D 262 -16.22 -15.62 -2.89
CA GLY D 262 -15.87 -16.94 -2.39
C GLY D 262 -16.28 -18.04 -3.38
N VAL D 263 -17.32 -17.82 -4.18
CA VAL D 263 -17.72 -18.82 -5.19
C VAL D 263 -16.88 -18.74 -6.47
N LEU D 264 -16.34 -17.56 -6.78
CA LEU D 264 -15.60 -17.36 -8.00
C LEU D 264 -14.08 -17.65 -7.87
N ALA D 265 -13.62 -17.86 -6.64
CA ALA D 265 -12.18 -17.85 -6.33
C ALA D 265 -11.42 -19.06 -6.90
#